data_4HXZ
#
_entry.id   4HXZ
#
_cell.length_a   44.117
_cell.length_b   162.874
_cell.length_c   77.407
_cell.angle_alpha   90.00
_cell.angle_beta   92.71
_cell.angle_gamma   90.00
#
_symmetry.space_group_name_H-M   'P 1 21 1'
#
loop_
_entity.id
_entity.type
_entity.pdbx_description
1 polymer 'Topoisomerase IV, subunit B'
2 non-polymer 6-ethyl-4-methoxy-2-(pyridin-3-ylsulfanyl)-7H-pyrrolo[2,3-d]pyrimidine-5-carbaldehyde
3 water water
#
_entity_poly.entity_id   1
_entity_poly.type   'polypeptide(L)'
_entity_poly.pdbx_seq_one_letter_code
;MQNYNAKSIEVLTGLDPVKKRPGMYTNIENPNHLIQEIIDNSVDEVLAGFASKINITLYEDNSIEVADDGRGMPVDIHPE
HKMSGIELIMTKLHSGGKFSNKNYTHSGGLHGVGVSVVNALSTRLEAEIKRDGNVYHIVFEDGFKTKDLEIIDNVGKKNT
GTKIRFWPNKKYFDDIKVNFKALKNLLEAKAILCKALTIKYSNEIKKEKLTWHFETGLKGYLDHKLEAETLPAEPFIIDN
FSNGDSYLDAVFCWCEDPSESIKNSYVNLIPTPQDGTHVTGLKNGIYDAIKAYIEKNSLSVKNIKITANDSFAQLNYVIS
VKITNPQFAGQTKEKLSNKDVTNFVATAVKDLLTIWLNQNPDEARQIVENISKVAQKRINADLEHHHHHH
;
_entity_poly.pdbx_strand_id   A,B
#
# COMPACT_ATOMS: atom_id res chain seq x y z
N SER A 8 -5.51 -15.96 -37.57
CA SER A 8 -6.85 -16.45 -38.02
C SER A 8 -8.01 -15.41 -37.98
N ILE A 9 -8.18 -14.71 -36.86
CA ILE A 9 -9.00 -13.50 -36.82
C ILE A 9 -8.16 -12.34 -36.29
N GLU A 10 -7.74 -11.42 -37.15
CA GLU A 10 -7.03 -10.23 -36.68
C GLU A 10 -8.00 -9.03 -36.62
N VAL A 11 -7.94 -8.23 -35.55
CA VAL A 11 -8.82 -7.06 -35.36
C VAL A 11 -8.00 -5.83 -35.00
N LEU A 12 -8.16 -4.80 -35.83
CA LEU A 12 -7.51 -3.49 -35.69
C LEU A 12 -8.60 -2.45 -35.54
N THR A 13 -8.51 -1.58 -34.51
CA THR A 13 -9.47 -0.49 -34.31
C THR A 13 -8.72 0.78 -33.88
N GLY A 14 -9.48 1.85 -33.68
CA GLY A 14 -8.92 3.09 -33.14
C GLY A 14 -8.90 3.01 -31.62
N LEU A 15 -8.57 4.12 -30.97
CA LEU A 15 -8.39 4.13 -29.51
C LEU A 15 -9.64 4.51 -28.69
N ASP A 16 -10.65 5.05 -29.34
CA ASP A 16 -11.92 5.46 -28.70
C ASP A 16 -12.52 4.45 -27.73
N PRO A 17 -12.44 3.13 -28.02
CA PRO A 17 -12.93 2.14 -27.03
C PRO A 17 -12.26 2.26 -25.64
N VAL A 18 -10.93 2.37 -25.63
CA VAL A 18 -10.09 2.50 -24.43
C VAL A 18 -10.39 3.79 -23.71
N LYS A 19 -10.31 4.91 -24.45
CA LYS A 19 -10.64 6.23 -23.94
C LYS A 19 -11.99 6.21 -23.24
N LYS A 20 -12.96 5.52 -23.82
CA LYS A 20 -14.29 5.52 -23.20
C LYS A 20 -14.62 4.35 -22.25
N ARG A 21 -13.70 3.38 -22.12
CA ARG A 21 -13.76 2.37 -21.03
C ARG A 21 -12.36 2.04 -20.43
N PRO A 22 -11.74 3.04 -19.77
CA PRO A 22 -10.37 2.92 -19.29
C PRO A 22 -10.20 1.74 -18.33
N GLY A 23 -11.13 1.64 -17.39
CA GLY A 23 -11.16 0.55 -16.44
C GLY A 23 -11.13 -0.81 -17.10
N MET A 24 -11.47 -0.86 -18.38
CA MET A 24 -11.40 -2.16 -19.05
C MET A 24 -9.99 -2.49 -19.56
N TYR A 25 -9.20 -1.45 -19.83
CA TYR A 25 -7.89 -1.60 -20.44
C TYR A 25 -6.70 -1.27 -19.52
N THR A 26 -6.97 -0.62 -18.36
CA THR A 26 -5.94 -0.39 -17.32
C THR A 26 -6.57 -0.19 -15.92
N ASN A 27 -5.78 -0.36 -14.86
CA ASN A 27 -6.19 0.10 -13.54
C ASN A 27 -6.05 1.60 -13.38
N ILE A 28 -7.15 2.21 -12.98
CA ILE A 28 -7.40 3.62 -13.17
C ILE A 28 -7.09 4.38 -11.89
N GLU A 29 -6.72 3.62 -10.85
CA GLU A 29 -6.17 4.19 -9.59
C GLU A 29 -5.00 5.16 -9.76
N ASN A 30 -4.07 4.80 -10.66
CA ASN A 30 -2.78 5.47 -10.83
C ASN A 30 -2.17 4.92 -12.14
N PRO A 31 -1.07 5.51 -12.63
CA PRO A 31 -0.42 5.02 -13.87
C PRO A 31 0.48 3.77 -13.75
N ASN A 32 0.54 3.14 -12.57
CA ASN A 32 1.41 1.98 -12.37
C ASN A 32 1.20 0.90 -13.42
N HIS A 33 -0.06 0.63 -13.73
CA HIS A 33 -0.37 -0.36 -14.77
C HIS A 33 0.12 0.12 -16.12
N LEU A 34 -0.23 1.32 -16.55
CA LEU A 34 0.37 1.87 -17.76
C LEU A 34 1.89 1.61 -17.84
N ILE A 35 2.61 1.81 -16.74
CA ILE A 35 4.02 1.56 -16.77
C ILE A 35 4.27 0.05 -16.97
N GLN A 36 3.54 -0.79 -16.22
CA GLN A 36 3.63 -2.24 -16.40
C GLN A 36 3.60 -2.64 -17.86
N GLU A 37 2.64 -2.07 -18.60
CA GLU A 37 2.38 -2.48 -19.96
C GLU A 37 3.63 -2.25 -20.78
N ILE A 38 4.28 -1.12 -20.55
CA ILE A 38 5.50 -0.80 -21.29
C ILE A 38 6.69 -1.67 -20.84
N ILE A 39 6.79 -1.95 -19.54
CA ILE A 39 7.78 -2.89 -19.07
C ILE A 39 7.53 -4.27 -19.70
N ASP A 40 6.28 -4.68 -19.80
CA ASP A 40 5.96 -5.96 -20.43
C ASP A 40 6.58 -6.03 -21.85
N ASN A 41 6.46 -4.93 -22.59
CA ASN A 41 7.08 -4.83 -23.91
C ASN A 41 8.59 -4.92 -23.93
N SER A 42 9.26 -4.21 -23.02
CA SER A 42 10.68 -4.38 -22.88
C SER A 42 10.93 -5.82 -22.55
N VAL A 43 10.12 -6.37 -21.64
CA VAL A 43 10.37 -7.74 -21.14
C VAL A 43 10.28 -8.80 -22.22
N ASP A 44 9.37 -8.63 -23.18
CA ASP A 44 9.34 -9.44 -24.39
C ASP A 44 10.72 -9.47 -25.06
N GLU A 45 11.35 -8.30 -25.23
CA GLU A 45 12.67 -8.29 -25.85
C GLU A 45 13.69 -9.01 -24.99
N VAL A 46 13.59 -8.89 -23.68
CA VAL A 46 14.49 -9.61 -22.79
C VAL A 46 14.32 -11.13 -22.91
N LEU A 47 13.07 -11.59 -22.89
CA LEU A 47 12.73 -13.00 -23.10
C LEU A 47 13.18 -13.53 -24.47
N ALA A 48 13.06 -12.70 -25.50
CA ALA A 48 13.47 -13.06 -26.85
C ALA A 48 14.99 -13.05 -26.99
N GLY A 49 15.67 -12.58 -25.94
CA GLY A 49 17.11 -12.63 -25.88
C GLY A 49 17.85 -11.45 -26.50
N PHE A 50 17.14 -10.38 -26.89
CA PHE A 50 17.77 -9.18 -27.48
C PHE A 50 18.06 -8.01 -26.50
N ALA A 51 17.60 -8.12 -25.26
CA ALA A 51 17.66 -6.99 -24.35
C ALA A 51 18.21 -7.39 -22.98
N SER A 52 18.92 -6.50 -22.32
CA SER A 52 19.50 -6.83 -21.03
C SER A 52 19.30 -5.69 -20.01
N LYS A 53 18.76 -4.57 -20.49
CA LYS A 53 18.57 -3.42 -19.60
C LYS A 53 17.14 -2.93 -19.71
N ILE A 54 16.57 -2.57 -18.58
CA ILE A 54 15.35 -1.79 -18.58
C ILE A 54 15.60 -0.64 -17.60
N ASN A 55 15.57 0.60 -18.09
CA ASN A 55 15.81 1.78 -17.25
C ASN A 55 14.54 2.61 -17.13
N ILE A 56 14.11 2.86 -15.90
CA ILE A 56 12.93 3.68 -15.63
C ILE A 56 13.26 5.00 -14.88
N THR A 57 12.89 6.14 -15.49
CA THR A 57 12.90 7.44 -14.82
C THR A 57 11.46 7.93 -14.58
N LEU A 58 11.20 8.39 -13.35
CA LEU A 58 9.97 9.12 -13.01
C LEU A 58 10.31 10.61 -12.94
N TYR A 59 9.67 11.43 -13.75
CA TYR A 59 9.98 12.85 -13.72
C TYR A 59 9.03 13.66 -12.83
N GLU A 60 9.47 14.88 -12.51
CA GLU A 60 8.78 15.76 -11.54
C GLU A 60 7.56 16.35 -12.21
N ASP A 61 7.50 16.27 -13.53
CA ASP A 61 6.29 16.61 -14.28
C ASP A 61 5.31 15.44 -14.37
N ASN A 62 5.62 14.34 -13.67
CA ASN A 62 4.72 13.17 -13.58
C ASN A 62 4.67 12.26 -14.80
N SER A 63 5.55 12.52 -15.76
CA SER A 63 5.68 11.63 -16.89
C SER A 63 6.53 10.46 -16.43
N ILE A 64 6.47 9.36 -17.20
CA ILE A 64 7.28 8.19 -16.90
C ILE A 64 8.10 7.92 -18.14
N GLU A 65 9.35 7.49 -17.97
CA GLU A 65 10.14 7.04 -19.11
C GLU A 65 10.72 5.63 -18.90
N VAL A 66 10.47 4.74 -19.85
CA VAL A 66 10.96 3.37 -19.81
C VAL A 66 11.82 3.15 -21.05
N ALA A 67 13.07 2.72 -20.87
CA ALA A 67 14.02 2.50 -21.98
C ALA A 67 14.67 1.10 -21.93
N ASP A 68 15.02 0.56 -23.09
CA ASP A 68 15.68 -0.76 -23.16
C ASP A 68 16.68 -0.80 -24.30
N ASP A 69 17.66 -1.72 -24.20
CA ASP A 69 18.67 -1.97 -25.25
C ASP A 69 18.26 -3.13 -26.21
N GLY A 70 16.95 -3.28 -26.42
CA GLY A 70 16.42 -4.28 -27.34
C GLY A 70 16.65 -3.87 -28.77
N ARG A 71 16.00 -4.57 -29.69
CA ARG A 71 16.16 -4.34 -31.13
C ARG A 71 15.65 -3.02 -31.62
N GLY A 72 14.69 -2.44 -30.91
CA GLY A 72 14.10 -1.14 -31.33
C GLY A 72 12.88 -1.30 -32.21
N MET A 73 11.72 -0.86 -31.72
CA MET A 73 10.46 -0.83 -32.49
C MET A 73 10.60 -0.61 -34.02
N PRO A 74 9.92 -1.44 -34.83
CA PRO A 74 10.01 -1.41 -36.28
C PRO A 74 9.55 -0.07 -36.81
N VAL A 75 10.10 0.32 -37.94
CA VAL A 75 9.81 1.65 -38.47
C VAL A 75 9.33 1.54 -39.93
N ASP A 76 9.48 0.36 -40.50
CA ASP A 76 9.08 0.15 -41.89
C ASP A 76 7.60 0.45 -42.10
N ILE A 77 7.29 0.93 -43.29
CA ILE A 77 5.95 1.31 -43.67
C ILE A 77 5.23 0.00 -43.97
N HIS A 78 4.08 -0.21 -43.35
CA HIS A 78 3.23 -1.38 -43.61
C HIS A 78 2.66 -1.34 -45.03
N PRO A 79 3.00 -2.33 -45.86
CA PRO A 79 2.51 -2.33 -47.25
C PRO A 79 1.00 -2.13 -47.38
N GLU A 80 0.23 -2.67 -46.44
CA GLU A 80 -1.22 -2.49 -46.45
C GLU A 80 -1.71 -1.25 -45.71
N HIS A 81 -1.19 -0.98 -44.52
CA HIS A 81 -1.75 0.11 -43.71
C HIS A 81 -1.13 1.43 -43.95
N LYS A 82 0.00 1.47 -44.64
CA LYS A 82 0.58 2.73 -45.18
C LYS A 82 1.01 3.72 -44.08
N MET A 83 2.00 3.35 -43.29
CA MET A 83 2.22 3.92 -41.98
C MET A 83 3.34 3.12 -41.35
N SER A 84 4.20 3.80 -40.59
CA SER A 84 5.30 3.11 -39.87
C SER A 84 4.79 2.07 -38.87
N GLY A 85 5.45 0.92 -38.82
CA GLY A 85 5.22 -0.07 -37.80
C GLY A 85 4.93 0.61 -36.49
N ILE A 86 5.84 1.49 -36.08
CA ILE A 86 5.73 2.19 -34.80
C ILE A 86 4.46 3.03 -34.63
N GLU A 87 4.09 3.79 -35.67
CA GLU A 87 2.79 4.49 -35.64
C GLU A 87 1.62 3.50 -35.56
N LEU A 88 1.72 2.39 -36.28
CA LEU A 88 0.64 1.41 -36.34
C LEU A 88 0.31 0.78 -34.97
N ILE A 89 1.37 0.43 -34.24
CA ILE A 89 1.28 -0.14 -32.91
C ILE A 89 0.80 0.92 -31.93
N MET A 90 1.19 2.16 -32.16
CA MET A 90 0.90 3.24 -31.22
C MET A 90 -0.52 3.82 -31.32
N THR A 91 -1.05 3.91 -32.54
CA THR A 91 -2.30 4.64 -32.75
C THR A 91 -3.51 3.72 -32.99
N LYS A 92 -3.36 2.43 -32.71
CA LYS A 92 -4.42 1.46 -32.93
C LYS A 92 -4.46 0.34 -31.87
N LEU A 93 -5.65 -0.11 -31.50
CA LEU A 93 -5.80 -1.36 -30.75
C LEU A 93 -5.64 -2.58 -31.65
N HIS A 94 -4.71 -3.46 -31.31
CA HIS A 94 -4.52 -4.74 -32.00
C HIS A 94 -5.04 -5.84 -31.13
N SER A 95 -5.86 -6.72 -31.70
CA SER A 95 -6.32 -7.90 -30.98
C SER A 95 -6.57 -8.98 -32.01
N GLY A 96 -6.81 -10.20 -31.53
CA GLY A 96 -6.95 -11.35 -32.40
C GLY A 96 -7.17 -12.63 -31.63
N GLY A 97 -7.27 -13.72 -32.38
CA GLY A 97 -7.50 -15.04 -31.81
C GLY A 97 -7.81 -16.10 -32.84
N LYS A 98 -8.23 -17.27 -32.36
CA LYS A 98 -8.54 -18.42 -33.20
C LYS A 98 -9.99 -18.39 -33.69
N PHE A 99 -10.90 -18.00 -32.80
CA PHE A 99 -12.35 -17.99 -33.05
C PHE A 99 -12.88 -16.92 -32.15
N SER A 100 -14.10 -16.47 -32.38
CA SER A 100 -14.64 -15.35 -31.57
C SER A 100 -15.74 -15.78 -30.62
N HIS A 111 -2.16 -8.72 -18.42
CA HIS A 111 -2.71 -8.29 -19.71
C HIS A 111 -1.77 -8.51 -20.87
N GLY A 112 -2.16 -7.98 -22.03
CA GLY A 112 -1.37 -8.00 -23.25
C GLY A 112 -2.16 -7.11 -24.20
N VAL A 113 -2.67 -6.02 -23.66
CA VAL A 113 -3.57 -5.12 -24.36
C VAL A 113 -2.86 -4.24 -25.41
N GLY A 114 -1.54 -4.11 -25.30
CA GLY A 114 -0.76 -3.38 -26.28
C GLY A 114 -0.46 -1.98 -25.77
N VAL A 115 0.67 -1.44 -26.21
CA VAL A 115 1.14 -0.13 -25.78
C VAL A 115 0.22 1.01 -26.19
N SER A 116 -0.55 0.82 -27.24
CA SER A 116 -1.49 1.85 -27.69
C SER A 116 -2.50 2.26 -26.61
N VAL A 117 -2.76 1.36 -25.67
CA VAL A 117 -3.51 1.76 -24.48
C VAL A 117 -2.81 2.92 -23.76
N VAL A 118 -1.48 2.82 -23.64
CA VAL A 118 -0.73 3.86 -22.93
C VAL A 118 -0.89 5.18 -23.65
N ASN A 119 -0.39 5.23 -24.88
CA ASN A 119 -0.70 6.30 -25.82
C ASN A 119 -2.11 6.89 -25.59
N ALA A 120 -3.14 6.07 -25.57
CA ALA A 120 -4.52 6.59 -25.51
C ALA A 120 -4.75 7.41 -24.27
N LEU A 121 -4.32 6.89 -23.14
CA LEU A 121 -4.60 7.54 -21.89
C LEU A 121 -3.53 8.57 -21.51
N SER A 122 -2.72 8.97 -22.50
CA SER A 122 -1.69 9.96 -22.27
C SER A 122 -1.90 11.20 -23.09
N THR A 123 -1.77 12.34 -22.42
CA THR A 123 -1.80 13.68 -23.01
C THR A 123 -0.69 13.84 -24.04
N ARG A 124 0.45 13.26 -23.74
CA ARG A 124 1.57 13.28 -24.63
C ARG A 124 2.31 11.94 -24.46
N LEU A 125 2.79 11.38 -25.55
CA LEU A 125 3.68 10.26 -25.46
C LEU A 125 4.77 10.39 -26.52
N GLU A 126 6.03 10.17 -26.13
CA GLU A 126 7.18 10.21 -27.06
C GLU A 126 7.91 8.91 -27.15
N ALA A 127 8.34 8.58 -28.35
CA ALA A 127 9.12 7.39 -28.58
C ALA A 127 10.44 7.76 -29.23
N GLU A 128 11.53 7.22 -28.73
CA GLU A 128 12.79 7.38 -29.42
C GLU A 128 13.36 6.00 -29.68
N ILE A 129 13.51 5.67 -30.98
CA ILE A 129 14.02 4.36 -31.39
C ILE A 129 15.42 4.46 -31.97
N LYS A 130 16.27 3.48 -31.68
CA LYS A 130 17.57 3.32 -32.36
C LYS A 130 17.64 1.95 -33.06
N ARG A 131 17.66 1.98 -34.40
CA ARG A 131 17.74 0.84 -35.28
C ARG A 131 18.58 1.33 -36.45
N ASP A 132 19.42 0.45 -37.00
CA ASP A 132 20.09 0.69 -38.25
C ASP A 132 20.94 1.96 -38.24
N GLY A 133 21.41 2.31 -37.06
CA GLY A 133 22.21 3.49 -36.89
C GLY A 133 21.50 4.79 -37.13
N ASN A 134 20.18 4.78 -37.17
CA ASN A 134 19.43 6.04 -37.07
C ASN A 134 18.73 6.10 -35.75
N VAL A 135 18.64 7.30 -35.20
CA VAL A 135 17.80 7.57 -34.07
C VAL A 135 16.50 8.19 -34.59
N TYR A 136 15.39 7.50 -34.39
CA TYR A 136 14.08 8.00 -34.84
C TYR A 136 13.31 8.62 -33.70
N HIS A 137 12.45 9.59 -34.03
CA HIS A 137 11.62 10.28 -33.05
C HIS A 137 10.24 10.50 -33.60
N ILE A 138 9.25 10.39 -32.72
CA ILE A 138 7.85 10.63 -33.06
C ILE A 138 7.09 11.03 -31.78
N VAL A 139 6.24 12.06 -31.87
CA VAL A 139 5.36 12.50 -30.77
C VAL A 139 3.88 12.25 -31.07
N PHE A 140 3.10 11.91 -30.03
CA PHE A 140 1.64 11.71 -30.13
C PHE A 140 0.95 12.43 -28.98
N GLU A 141 -0.32 12.77 -29.18
CA GLU A 141 -1.11 13.36 -28.11
C GLU A 141 -2.47 12.75 -28.12
N ASP A 142 -3.04 12.54 -26.94
CA ASP A 142 -4.31 11.82 -26.82
C ASP A 142 -4.42 10.73 -27.90
N GLY A 143 -3.34 9.94 -28.04
CA GLY A 143 -3.27 8.85 -28.99
C GLY A 143 -3.26 9.17 -30.48
N PHE A 144 -3.12 10.44 -30.87
CA PHE A 144 -3.02 10.84 -32.29
C PHE A 144 -1.62 11.36 -32.61
N LYS A 145 -0.99 10.87 -33.68
CA LYS A 145 0.31 11.43 -34.10
C LYS A 145 0.27 12.96 -34.20
N THR A 146 1.26 13.64 -33.64
CA THR A 146 1.32 15.11 -33.69
C THR A 146 2.62 15.66 -34.25
N LYS A 147 3.56 14.76 -34.50
CA LYS A 147 4.83 15.12 -35.12
C LYS A 147 5.33 13.89 -35.84
N ASP A 148 5.64 14.04 -37.11
CA ASP A 148 6.06 12.94 -37.98
C ASP A 148 7.32 12.22 -37.54
N LEU A 149 7.33 10.90 -37.75
CA LEU A 149 8.54 10.11 -37.57
C LEU A 149 9.65 10.68 -38.41
N GLU A 150 10.67 11.22 -37.75
CA GLU A 150 11.89 11.67 -38.44
C GLU A 150 13.17 11.15 -37.79
N ILE A 151 14.25 11.14 -38.56
CA ILE A 151 15.58 10.78 -38.07
C ILE A 151 16.26 12.03 -37.52
N ILE A 152 16.60 12.02 -36.24
CA ILE A 152 17.13 13.22 -35.60
C ILE A 152 18.61 13.09 -35.22
N ASP A 153 19.18 11.92 -35.50
CA ASP A 153 20.55 11.60 -35.09
C ASP A 153 21.02 10.28 -35.68
N ASN A 154 22.31 10.03 -35.58
CA ASN A 154 22.87 8.77 -36.01
C ASN A 154 23.69 8.18 -34.88
N VAL A 155 23.89 6.86 -34.98
CA VAL A 155 24.32 6.06 -33.86
C VAL A 155 24.99 4.84 -34.43
N GLY A 156 25.88 4.21 -33.68
CA GLY A 156 26.54 3.00 -34.18
C GLY A 156 25.50 1.94 -34.57
N LYS A 157 25.74 1.19 -35.64
CA LYS A 157 24.80 0.12 -36.00
C LYS A 157 24.40 -0.76 -34.78
N LYS A 158 25.34 -1.05 -33.88
CA LYS A 158 25.00 -1.93 -32.73
C LYS A 158 24.42 -1.21 -31.54
N ASN A 159 24.25 0.10 -31.62
CA ASN A 159 23.60 0.81 -30.55
C ASN A 159 22.08 0.83 -30.84
N THR A 160 21.36 -0.14 -30.25
CA THR A 160 19.93 -0.27 -30.56
C THR A 160 19.07 -0.18 -29.33
N GLY A 161 17.77 0.10 -29.52
CA GLY A 161 16.77 0.14 -28.43
C GLY A 161 15.51 0.95 -28.67
N THR A 162 14.57 0.85 -27.73
CA THR A 162 13.32 1.63 -27.77
C THR A 162 13.25 2.41 -26.48
N LYS A 163 12.89 3.69 -26.60
CA LYS A 163 12.70 4.59 -25.45
C LYS A 163 11.36 5.36 -25.53
N ILE A 164 10.47 5.15 -24.56
CA ILE A 164 9.15 5.80 -24.52
C ILE A 164 8.97 6.68 -23.28
N ARG A 165 8.62 7.96 -23.47
CA ARG A 165 8.17 8.80 -22.35
C ARG A 165 6.71 9.30 -22.53
N PHE A 166 5.91 9.25 -21.47
CA PHE A 166 4.49 9.55 -21.56
C PHE A 166 3.95 10.31 -20.34
N TRP A 167 2.98 11.17 -20.60
CA TRP A 167 2.39 12.04 -19.60
C TRP A 167 0.98 11.59 -19.35
N PRO A 168 0.74 10.66 -18.41
CA PRO A 168 -0.66 10.22 -18.26
C PRO A 168 -1.63 11.39 -18.14
N ASN A 169 -2.81 11.22 -18.70
CA ASN A 169 -3.80 12.31 -18.78
C ASN A 169 -4.65 12.25 -17.51
N LYS A 170 -4.61 13.33 -16.72
CA LYS A 170 -5.24 13.33 -15.40
C LYS A 170 -6.70 12.92 -15.41
N LYS A 171 -7.43 13.23 -16.49
CA LYS A 171 -8.87 12.94 -16.49
C LYS A 171 -9.24 11.46 -16.34
N TYR A 172 -8.34 10.55 -16.73
CA TYR A 172 -8.60 9.12 -16.56
C TYR A 172 -8.32 8.50 -15.18
N PHE A 173 -7.41 9.08 -14.41
CA PHE A 173 -6.92 8.46 -13.20
C PHE A 173 -7.41 9.09 -11.93
N ASP A 174 -7.78 8.25 -10.95
CA ASP A 174 -7.99 8.68 -9.55
C ASP A 174 -6.85 9.56 -9.07
N ASP A 175 -5.63 9.20 -9.45
CA ASP A 175 -4.44 9.89 -8.97
C ASP A 175 -3.32 9.74 -10.02
N ILE A 176 -2.62 10.82 -10.34
CA ILE A 176 -1.59 10.72 -11.37
C ILE A 176 -0.27 10.33 -10.74
N LYS A 177 -0.20 10.39 -9.42
CA LYS A 177 1.03 10.10 -8.74
C LYS A 177 1.29 8.60 -8.88
N VAL A 178 2.49 8.25 -9.36
CA VAL A 178 2.85 6.85 -9.43
C VAL A 178 3.01 6.31 -8.02
N ASN A 179 2.30 5.23 -7.65
CA ASN A 179 2.59 4.49 -6.42
C ASN A 179 4.01 3.93 -6.54
N PHE A 180 4.96 4.60 -5.87
CA PHE A 180 6.41 4.27 -5.97
C PHE A 180 6.78 2.90 -5.41
N LYS A 181 6.30 2.62 -4.20
CA LYS A 181 6.65 1.37 -3.56
C LYS A 181 6.22 0.18 -4.41
N ALA A 182 5.03 0.30 -5.01
CA ALA A 182 4.50 -0.81 -5.79
C ALA A 182 5.39 -1.09 -7.00
N LEU A 183 5.74 -0.04 -7.76
CA LEU A 183 6.63 -0.19 -8.90
C LEU A 183 7.96 -0.83 -8.51
N LYS A 184 8.62 -0.31 -7.48
CA LYS A 184 9.87 -0.92 -7.01
C LYS A 184 9.70 -2.39 -6.68
N ASN A 185 8.64 -2.76 -5.97
CA ASN A 185 8.45 -4.19 -5.73
C ASN A 185 8.35 -4.93 -7.05
N LEU A 186 7.50 -4.46 -7.96
CA LEU A 186 7.35 -5.07 -9.28
C LEU A 186 8.69 -5.28 -9.99
N LEU A 187 9.50 -4.22 -10.04
CA LEU A 187 10.80 -4.27 -10.69
C LEU A 187 11.71 -5.29 -10.02
N GLU A 188 11.77 -5.30 -8.69
CA GLU A 188 12.53 -6.35 -7.99
C GLU A 188 12.04 -7.77 -8.38
N ALA A 189 10.74 -7.99 -8.32
CA ALA A 189 10.17 -9.26 -8.74
C ALA A 189 10.68 -9.68 -10.13
N LYS A 190 10.59 -8.77 -11.10
CA LYS A 190 11.07 -9.04 -12.46
C LYS A 190 12.56 -9.37 -12.59
N ALA A 191 13.42 -8.57 -11.99
CA ALA A 191 14.87 -8.90 -12.03
C ALA A 191 15.16 -10.29 -11.45
N ILE A 192 14.61 -10.59 -10.27
CA ILE A 192 14.85 -11.91 -9.60
C ILE A 192 14.70 -13.06 -10.62
N LEU A 193 13.66 -12.95 -11.45
CA LEU A 193 13.36 -13.94 -12.48
C LEU A 193 14.17 -13.80 -13.78
N CYS A 194 15.05 -12.81 -13.90
CA CYS A 194 15.97 -12.73 -15.07
C CYS A 194 17.40 -12.44 -14.70
N LYS A 195 18.22 -13.48 -14.57
CA LYS A 195 19.60 -13.27 -14.13
C LYS A 195 20.37 -12.42 -15.14
N ALA A 196 19.97 -12.50 -16.40
CA ALA A 196 20.55 -11.72 -17.49
C ALA A 196 20.08 -10.26 -17.56
N LEU A 197 19.18 -9.83 -16.67
CA LEU A 197 18.60 -8.48 -16.75
C LEU A 197 19.13 -7.56 -15.68
N THR A 198 19.32 -6.29 -16.06
CA THR A 198 19.70 -5.25 -15.13
C THR A 198 18.68 -4.15 -15.21
N ILE A 199 18.00 -3.86 -14.10
CA ILE A 199 16.98 -2.81 -14.10
C ILE A 199 17.44 -1.60 -13.29
N LYS A 200 17.56 -0.46 -13.96
CA LYS A 200 17.87 0.79 -13.25
C LYS A 200 16.58 1.54 -13.11
N TYR A 201 16.47 2.30 -12.02
CA TYR A 201 15.23 3.02 -11.67
C TYR A 201 15.64 4.32 -11.05
N SER A 202 15.05 5.42 -11.49
CA SER A 202 15.42 6.73 -11.01
C SER A 202 14.16 7.59 -10.74
N ASN A 203 13.83 7.76 -9.46
CA ASN A 203 12.76 8.64 -9.09
C ASN A 203 13.26 10.07 -8.85
N GLU A 204 13.20 10.93 -9.89
CA GLU A 204 13.61 12.32 -9.74
C GLU A 204 12.76 13.14 -8.77
N ILE A 205 11.62 12.62 -8.31
CA ILE A 205 10.80 13.38 -7.38
C ILE A 205 11.33 13.21 -5.97
N LYS A 206 11.64 11.97 -5.56
CA LYS A 206 12.22 11.70 -4.24
C LYS A 206 13.76 11.67 -4.27
N LYS A 207 14.34 12.06 -5.39
CA LYS A 207 15.79 12.05 -5.59
C LYS A 207 16.47 10.73 -5.17
N GLU A 208 16.01 9.60 -5.71
CA GLU A 208 16.51 8.27 -5.34
C GLU A 208 16.67 7.34 -6.55
N LYS A 209 17.70 6.50 -6.53
CA LYS A 209 18.00 5.61 -7.66
C LYS A 209 18.23 4.17 -7.19
N LEU A 210 17.76 3.18 -7.94
CA LEU A 210 18.08 1.80 -7.62
C LEU A 210 18.57 1.04 -8.83
N THR A 211 19.30 -0.03 -8.57
CA THR A 211 19.73 -0.93 -9.60
C THR A 211 19.50 -2.32 -9.04
N TRP A 212 18.84 -3.16 -9.83
CA TRP A 212 18.69 -4.57 -9.50
C TRP A 212 19.42 -5.37 -10.53
N HIS A 213 20.35 -6.17 -10.08
CA HIS A 213 20.88 -7.24 -10.91
C HIS A 213 21.08 -8.48 -10.07
N PHE A 214 20.34 -9.55 -10.40
CA PHE A 214 20.46 -10.81 -9.67
C PHE A 214 21.22 -11.79 -10.55
N GLU A 215 22.55 -11.69 -10.54
CA GLU A 215 23.41 -12.65 -11.26
C GLU A 215 23.05 -14.05 -10.76
N THR A 216 22.84 -14.11 -9.46
CA THR A 216 22.62 -15.35 -8.72
C THR A 216 21.24 -15.97 -9.02
N GLY A 217 20.24 -15.14 -9.29
CA GLY A 217 18.90 -15.61 -9.59
C GLY A 217 18.01 -15.65 -8.36
N LEU A 218 17.12 -16.64 -8.33
CA LEU A 218 16.29 -16.92 -7.14
C LEU A 218 17.07 -17.38 -5.90
N LYS A 219 18.33 -17.78 -6.06
CA LYS A 219 19.13 -18.24 -4.93
C LYS A 219 19.12 -17.27 -3.75
N GLY A 220 18.76 -17.77 -2.57
CA GLY A 220 18.67 -16.93 -1.39
C GLY A 220 17.24 -16.49 -1.05
N TYR A 221 16.34 -16.42 -2.05
CA TYR A 221 15.00 -15.84 -1.86
C TYR A 221 14.14 -16.55 -0.78
N LEU A 222 14.03 -17.87 -0.91
CA LEU A 222 13.41 -18.72 0.13
C LEU A 222 14.13 -18.59 1.48
N ASP A 223 15.44 -18.80 1.51
CA ASP A 223 16.21 -18.52 2.72
C ASP A 223 15.75 -17.23 3.36
N HIS A 224 15.58 -16.18 2.56
CA HIS A 224 15.30 -14.84 3.09
C HIS A 224 13.88 -14.66 3.53
N LYS A 225 12.94 -15.19 2.75
CA LYS A 225 11.51 -14.98 2.97
C LYS A 225 10.95 -15.93 4.04
N LEU A 226 11.63 -17.06 4.23
CA LEU A 226 11.25 -18.08 5.23
C LEU A 226 11.94 -17.89 6.59
N GLU A 227 13.27 -17.74 6.58
CA GLU A 227 14.06 -17.56 7.81
C GLU A 227 13.59 -18.46 8.98
N ALA A 228 13.10 -19.64 8.62
CA ALA A 228 12.89 -20.74 9.55
C ALA A 228 13.81 -21.88 9.07
N GLU A 229 13.78 -23.00 9.78
CA GLU A 229 14.59 -24.15 9.39
C GLU A 229 13.87 -24.84 8.23
N THR A 230 14.50 -24.86 7.06
CA THR A 230 13.91 -25.43 5.84
C THR A 230 14.67 -26.70 5.47
N LEU A 231 14.01 -27.59 4.74
CA LEU A 231 14.68 -28.79 4.29
C LEU A 231 14.53 -28.94 2.78
N PRO A 232 15.67 -29.07 2.08
CA PRO A 232 17.06 -28.95 2.54
C PRO A 232 17.38 -27.61 3.19
N ALA A 233 18.44 -27.58 4.00
CA ALA A 233 18.91 -26.37 4.68
C ALA A 233 19.34 -25.30 3.64
N GLU A 234 19.80 -25.78 2.49
CA GLU A 234 20.21 -24.99 1.35
C GLU A 234 19.18 -25.33 0.27
N PRO A 235 18.07 -24.55 0.18
CA PRO A 235 16.96 -24.93 -0.72
C PRO A 235 17.38 -25.27 -2.15
N PHE A 236 16.61 -26.12 -2.82
CA PHE A 236 17.09 -26.75 -4.05
C PHE A 236 16.94 -25.84 -5.28
N ILE A 237 18.03 -25.63 -6.03
CA ILE A 237 17.96 -24.71 -7.17
C ILE A 237 17.95 -25.43 -8.50
N ILE A 238 16.98 -25.10 -9.33
CA ILE A 238 17.09 -25.37 -10.77
C ILE A 238 17.41 -24.05 -11.50
N ASP A 239 18.65 -23.97 -11.94
CA ASP A 239 19.22 -22.77 -12.58
C ASP A 239 19.20 -22.92 -14.09
N ASN A 240 18.23 -22.25 -14.70
CA ASN A 240 18.17 -22.07 -16.16
C ASN A 240 18.21 -23.35 -16.98
N PHE A 241 17.57 -24.41 -16.49
CA PHE A 241 17.44 -25.65 -17.26
C PHE A 241 16.54 -25.42 -18.47
N SER A 242 16.87 -26.08 -19.58
CA SER A 242 16.10 -25.98 -20.81
C SER A 242 16.30 -27.12 -21.79
N ASN A 243 15.69 -26.97 -22.95
CA ASN A 243 15.99 -27.76 -24.15
C ASN A 243 15.63 -26.97 -25.41
N GLY A 244 15.05 -25.78 -25.21
CA GLY A 244 14.44 -25.02 -26.29
C GLY A 244 12.95 -25.31 -26.39
N ASP A 245 12.36 -25.77 -25.26
CA ASP A 245 10.90 -26.08 -25.14
C ASP A 245 10.10 -25.33 -24.00
N SER A 246 10.74 -24.60 -23.09
CA SER A 246 12.09 -24.10 -23.26
C SER A 246 12.84 -23.95 -21.95
N TYR A 247 12.39 -23.04 -21.10
CA TYR A 247 13.24 -22.60 -19.99
C TYR A 247 12.62 -22.76 -18.62
N LEU A 248 13.31 -23.51 -17.76
CA LEU A 248 12.86 -23.69 -16.40
C LEU A 248 13.85 -23.13 -15.39
N ASP A 249 13.34 -22.24 -14.55
CA ASP A 249 14.03 -21.85 -13.33
C ASP A 249 13.07 -22.28 -12.21
N ALA A 250 13.61 -22.73 -11.09
CA ALA A 250 12.76 -23.07 -9.96
C ALA A 250 13.56 -23.12 -8.70
N VAL A 251 12.89 -22.87 -7.59
CA VAL A 251 13.54 -23.05 -6.32
C VAL A 251 12.54 -23.71 -5.37
N PHE A 252 13.00 -24.69 -4.60
CA PHE A 252 12.09 -25.37 -3.64
C PHE A 252 12.72 -26.07 -2.45
N CYS A 253 11.97 -26.02 -1.34
CA CYS A 253 12.34 -26.70 -0.13
C CYS A 253 11.08 -27.08 0.65
N TRP A 254 11.26 -27.98 1.62
CA TRP A 254 10.23 -28.31 2.59
C TRP A 254 10.46 -27.54 3.86
N CYS A 255 9.38 -27.11 4.48
CA CYS A 255 9.43 -26.36 5.73
C CYS A 255 8.09 -26.53 6.46
N GLU A 256 7.85 -25.73 7.49
CA GLU A 256 6.62 -25.84 8.28
C GLU A 256 6.03 -24.49 8.75
N ASP A 257 4.86 -24.17 8.17
CA ASP A 257 3.97 -23.11 8.61
C ASP A 257 4.58 -21.72 8.91
N PRO A 258 4.58 -21.27 10.19
CA PRO A 258 4.23 -19.89 10.53
C PRO A 258 3.46 -19.16 9.42
N SER A 259 2.53 -19.90 8.79
CA SER A 259 1.77 -19.50 7.59
C SER A 259 2.62 -18.87 6.46
N GLU A 260 3.91 -19.24 6.41
CA GLU A 260 4.86 -18.64 5.46
C GLU A 260 4.72 -19.25 4.08
N SER A 261 3.51 -19.22 3.54
CA SER A 261 3.25 -19.75 2.22
C SER A 261 4.00 -18.95 1.15
N ILE A 262 5.08 -19.56 0.66
CA ILE A 262 5.68 -19.13 -0.58
C ILE A 262 5.37 -20.27 -1.57
N LYS A 263 4.34 -20.05 -2.38
CA LYS A 263 3.98 -20.95 -3.45
C LYS A 263 3.71 -20.07 -4.66
N ASN A 264 4.79 -19.65 -5.36
CA ASN A 264 4.71 -18.71 -6.51
C ASN A 264 5.04 -19.34 -7.87
N SER A 265 4.20 -19.08 -8.86
CA SER A 265 4.43 -19.62 -10.20
C SER A 265 4.23 -18.59 -11.29
N TYR A 266 5.02 -18.71 -12.35
CA TYR A 266 5.13 -17.68 -13.37
C TYR A 266 5.34 -18.26 -14.77
N VAL A 267 4.72 -17.64 -15.77
CA VAL A 267 4.99 -17.99 -17.15
C VAL A 267 5.42 -16.71 -17.83
N ASN A 268 6.62 -16.74 -18.39
CA ASN A 268 7.14 -15.58 -19.10
C ASN A 268 6.99 -14.36 -18.22
N LEU A 269 7.23 -14.56 -16.93
CA LEU A 269 7.10 -13.52 -15.91
C LEU A 269 5.69 -13.06 -15.61
N ILE A 270 4.69 -13.72 -16.18
CA ILE A 270 3.30 -13.43 -15.81
C ILE A 270 2.84 -14.32 -14.64
N PRO A 271 2.47 -13.69 -13.50
CA PRO A 271 1.92 -14.39 -12.34
C PRO A 271 0.78 -15.35 -12.73
N THR A 272 0.92 -16.60 -12.33
CA THR A 272 -0.15 -17.58 -12.45
C THR A 272 -0.68 -17.87 -11.04
N PRO A 273 -1.60 -17.02 -10.53
CA PRO A 273 -2.07 -17.26 -9.16
C PRO A 273 -2.93 -18.53 -9.08
N GLN A 274 -3.27 -19.09 -10.24
CA GLN A 274 -4.07 -20.30 -10.33
C GLN A 274 -3.35 -21.48 -11.00
N ASP A 275 -2.02 -21.48 -10.94
CA ASP A 275 -1.21 -22.64 -11.26
C ASP A 275 -1.41 -23.18 -12.69
N GLY A 276 -1.34 -24.51 -12.83
CA GLY A 276 -1.44 -25.15 -14.14
C GLY A 276 -0.30 -26.10 -14.50
N THR A 277 -0.23 -26.46 -15.77
CA THR A 277 0.74 -27.41 -16.30
C THR A 277 2.15 -27.31 -15.70
N HIS A 278 2.66 -26.10 -15.54
CA HIS A 278 3.97 -25.90 -14.91
C HIS A 278 4.00 -26.33 -13.45
N VAL A 279 3.00 -25.91 -12.67
CA VAL A 279 2.90 -26.32 -11.26
C VAL A 279 2.68 -27.84 -11.13
N THR A 280 1.61 -28.34 -11.79
CA THR A 280 1.38 -29.78 -11.91
C THR A 280 2.71 -30.49 -12.19
N GLY A 281 3.38 -30.08 -13.26
CA GLY A 281 4.69 -30.65 -13.60
C GLY A 281 5.66 -30.73 -12.42
N LEU A 282 5.65 -29.74 -11.54
CA LEU A 282 6.62 -29.69 -10.43
C LEU A 282 6.19 -30.62 -9.31
N LYS A 283 4.87 -30.69 -9.09
CA LYS A 283 4.26 -31.65 -8.16
C LYS A 283 4.59 -33.11 -8.54
N ASN A 284 4.40 -33.45 -9.81
CA ASN A 284 4.66 -34.79 -10.35
C ASN A 284 6.13 -35.19 -10.17
N GLY A 285 7.02 -34.51 -10.88
CA GLY A 285 8.47 -34.74 -10.76
C GLY A 285 9.04 -34.83 -9.36
N ILE A 286 8.48 -34.10 -8.39
CA ILE A 286 8.93 -34.25 -7.00
C ILE A 286 8.49 -35.61 -6.47
N TYR A 287 7.21 -35.94 -6.69
CA TYR A 287 6.67 -37.25 -6.36
C TYR A 287 7.53 -38.31 -7.06
N ASP A 288 7.40 -38.40 -8.38
CA ASP A 288 8.25 -39.26 -9.22
C ASP A 288 9.62 -39.63 -8.66
N ALA A 289 10.33 -38.67 -8.08
CA ALA A 289 11.70 -38.89 -7.62
C ALA A 289 11.77 -39.11 -6.13
N ILE A 290 10.63 -39.07 -5.47
CA ILE A 290 10.56 -39.52 -4.07
C ILE A 290 10.17 -41.01 -4.05
N LYS A 291 9.21 -41.36 -4.90
CA LYS A 291 8.86 -42.74 -5.17
C LYS A 291 10.17 -43.47 -5.52
N ALA A 292 10.76 -43.10 -6.65
CA ALA A 292 11.99 -43.70 -7.14
C ALA A 292 13.10 -43.80 -6.10
N TYR A 293 13.22 -42.83 -5.22
CA TYR A 293 14.26 -42.89 -4.20
C TYR A 293 13.90 -43.81 -3.03
N ILE A 294 12.63 -43.80 -2.65
CA ILE A 294 12.10 -44.74 -1.65
C ILE A 294 12.34 -46.19 -2.08
N GLU A 295 11.96 -46.50 -3.32
CA GLU A 295 12.10 -47.84 -3.88
C GLU A 295 13.58 -48.24 -3.94
N LYS A 296 14.38 -47.39 -4.57
CA LYS A 296 15.83 -47.62 -4.72
C LYS A 296 16.49 -48.11 -3.42
N ASN A 297 16.07 -47.56 -2.29
CA ASN A 297 16.71 -47.82 -1.00
C ASN A 297 15.83 -48.64 -0.08
N SER A 298 14.66 -49.03 -0.60
CA SER A 298 13.64 -49.79 0.12
C SER A 298 13.28 -49.09 1.41
N LEU A 299 12.88 -47.82 1.29
CA LEU A 299 12.51 -47.01 2.46
C LEU A 299 10.99 -47.00 2.72
N SER A 300 10.31 -47.97 2.13
CA SER A 300 8.91 -48.20 2.36
C SER A 300 8.54 -48.54 3.81
N VAL A 301 7.32 -48.17 4.20
CA VAL A 301 6.65 -48.71 5.36
C VAL A 301 5.26 -49.17 4.90
N LYS A 302 4.83 -50.34 5.39
CA LYS A 302 3.78 -51.12 4.71
C LYS A 302 2.34 -50.58 4.68
N ASN A 303 1.88 -49.85 5.69
CA ASN A 303 0.56 -49.22 5.52
C ASN A 303 0.58 -47.70 5.30
N ILE A 304 1.73 -47.22 4.81
CA ILE A 304 1.93 -45.82 4.49
C ILE A 304 2.30 -45.68 3.00
N LYS A 305 1.33 -45.89 2.12
CA LYS A 305 1.55 -45.59 0.71
C LYS A 305 1.55 -44.05 0.48
N ILE A 306 2.71 -43.54 0.09
CA ILE A 306 2.87 -42.10 -0.20
C ILE A 306 2.12 -41.70 -1.47
N THR A 307 1.61 -40.47 -1.47
CA THR A 307 0.87 -39.94 -2.60
C THR A 307 1.57 -38.67 -3.14
N ALA A 308 1.15 -38.18 -4.30
CA ALA A 308 1.76 -36.94 -4.84
C ALA A 308 1.55 -35.74 -3.92
N ASN A 309 0.35 -35.62 -3.36
CA ASN A 309 0.01 -34.52 -2.45
C ASN A 309 0.82 -34.42 -1.18
N ASP A 310 1.36 -35.55 -0.72
CA ASP A 310 2.15 -35.57 0.52
C ASP A 310 3.53 -35.01 0.26
N SER A 311 4.10 -35.38 -0.89
CA SER A 311 5.42 -34.89 -1.27
C SER A 311 5.38 -33.36 -1.52
N PHE A 312 4.17 -32.85 -1.72
CA PHE A 312 3.92 -31.44 -1.98
C PHE A 312 3.48 -30.66 -0.73
N ALA A 313 2.80 -31.35 0.18
CA ALA A 313 2.15 -30.71 1.35
C ALA A 313 2.94 -29.56 1.99
N GLN A 314 4.17 -29.83 2.41
CA GLN A 314 4.98 -28.85 3.11
C GLN A 314 6.05 -28.23 2.20
N LEU A 315 5.80 -28.27 0.90
CA LEU A 315 6.76 -27.74 -0.05
C LEU A 315 6.59 -26.23 -0.21
N ASN A 316 7.70 -25.51 -0.07
CA ASN A 316 7.75 -24.11 -0.42
C ASN A 316 8.51 -23.97 -1.74
N TYR A 317 7.97 -23.19 -2.66
CA TYR A 317 8.57 -23.09 -3.98
C TYR A 317 8.34 -21.78 -4.72
N VAL A 318 9.21 -21.54 -5.70
CA VAL A 318 8.95 -20.57 -6.76
C VAL A 318 9.33 -21.25 -8.08
N ILE A 319 8.36 -21.37 -8.99
CA ILE A 319 8.65 -21.88 -10.31
C ILE A 319 8.33 -20.82 -11.38
N SER A 320 9.29 -20.59 -12.28
CA SER A 320 9.20 -19.62 -13.38
C SER A 320 9.57 -20.30 -14.67
N VAL A 321 8.63 -20.29 -15.60
CA VAL A 321 8.82 -21.02 -16.83
C VAL A 321 8.88 -20.05 -18.01
N LYS A 322 9.75 -20.31 -18.97
CA LYS A 322 9.87 -19.42 -20.13
C LYS A 322 9.66 -20.21 -21.41
N ILE A 323 8.50 -20.01 -22.00
CA ILE A 323 8.08 -20.84 -23.10
C ILE A 323 7.56 -20.02 -24.27
N THR A 324 7.64 -20.63 -25.44
CA THR A 324 7.37 -19.96 -26.69
C THR A 324 5.91 -19.58 -26.88
N ASN A 325 4.98 -20.51 -26.66
CA ASN A 325 3.60 -20.21 -26.99
C ASN A 325 2.60 -20.36 -25.85
N PRO A 326 2.63 -19.40 -24.90
CA PRO A 326 1.85 -19.59 -23.69
C PRO A 326 0.35 -19.52 -23.98
N GLN A 327 -0.29 -20.69 -24.00
CA GLN A 327 -1.76 -20.81 -23.98
C GLN A 327 -2.29 -20.87 -22.55
N PHE A 328 -3.38 -20.14 -22.29
CA PHE A 328 -3.94 -20.06 -20.93
C PHE A 328 -5.31 -20.71 -20.79
N ALA A 329 -5.94 -20.48 -19.64
CA ALA A 329 -7.24 -21.06 -19.34
C ALA A 329 -8.31 -19.97 -19.31
N GLY A 330 -9.33 -20.14 -20.14
CA GLY A 330 -10.47 -19.22 -20.17
C GLY A 330 -10.06 -17.81 -20.49
N GLN A 331 -10.66 -16.86 -19.79
CA GLN A 331 -10.57 -15.46 -20.17
C GLN A 331 -9.33 -14.69 -19.67
N THR A 332 -8.89 -14.99 -18.45
CA THR A 332 -7.71 -14.30 -17.91
C THR A 332 -6.45 -15.18 -17.88
N LYS A 333 -5.29 -14.54 -17.80
CA LYS A 333 -4.01 -15.24 -17.88
C LYS A 333 -3.51 -15.66 -16.50
N GLU A 334 -4.37 -16.39 -15.79
CA GLU A 334 -4.08 -16.78 -14.42
C GLU A 334 -3.62 -18.24 -14.24
N LYS A 335 -3.92 -19.09 -15.23
CA LYS A 335 -3.58 -20.52 -15.17
C LYS A 335 -2.97 -21.02 -16.50
N LEU A 336 -1.81 -21.67 -16.41
CA LEU A 336 -1.13 -22.15 -17.63
C LEU A 336 -1.68 -23.49 -18.10
N SER A 337 -2.19 -23.52 -19.33
CA SER A 337 -2.84 -24.73 -19.88
C SER A 337 -2.03 -25.43 -20.97
N ASN A 338 -0.79 -25.00 -21.19
CA ASN A 338 0.07 -25.65 -22.17
C ASN A 338 0.32 -27.11 -21.81
N LYS A 339 -0.56 -28.00 -22.25
CA LYS A 339 -0.23 -29.41 -22.17
C LYS A 339 1.18 -29.60 -22.78
N ASP A 340 2.07 -30.24 -22.03
CA ASP A 340 3.43 -30.61 -22.47
C ASP A 340 4.56 -29.85 -21.81
N VAL A 341 4.22 -28.77 -21.11
CA VAL A 341 5.17 -28.19 -20.15
C VAL A 341 5.14 -29.09 -18.92
N THR A 342 3.96 -29.66 -18.69
CA THR A 342 3.69 -30.57 -17.59
C THR A 342 4.69 -31.72 -17.50
N ASN A 343 5.07 -32.29 -18.65
CA ASN A 343 6.13 -33.31 -18.68
C ASN A 343 7.54 -32.78 -18.95
N PHE A 344 7.63 -31.54 -19.43
CA PHE A 344 8.90 -30.83 -19.55
C PHE A 344 9.43 -30.46 -18.16
N VAL A 345 8.54 -29.94 -17.31
CA VAL A 345 8.86 -29.64 -15.91
C VAL A 345 9.09 -30.91 -15.08
N ALA A 346 8.32 -31.95 -15.38
CA ALA A 346 8.41 -33.24 -14.67
C ALA A 346 9.75 -34.00 -14.85
N THR A 347 10.14 -34.21 -16.11
CA THR A 347 11.37 -34.95 -16.43
C THR A 347 12.60 -34.32 -15.76
N ALA A 348 12.70 -32.99 -15.82
CA ALA A 348 13.81 -32.26 -15.23
C ALA A 348 13.84 -32.41 -13.72
N VAL A 349 12.77 -32.01 -13.06
CA VAL A 349 12.70 -32.09 -11.60
C VAL A 349 13.03 -33.50 -11.10
N LYS A 350 12.51 -34.54 -11.77
CA LYS A 350 12.83 -35.93 -11.42
C LYS A 350 14.34 -36.21 -11.45
N ASP A 351 14.91 -36.16 -12.65
CA ASP A 351 16.35 -36.39 -12.82
C ASP A 351 17.14 -35.44 -11.90
N LEU A 352 16.91 -34.14 -12.05
CA LEU A 352 17.61 -33.11 -11.28
C LEU A 352 17.61 -33.38 -9.79
N LEU A 353 16.43 -33.64 -9.23
CA LEU A 353 16.31 -33.89 -7.79
C LEU A 353 16.94 -35.22 -7.37
N THR A 354 16.72 -36.26 -8.18
CA THR A 354 17.30 -37.58 -7.92
C THR A 354 18.79 -37.43 -7.62
N ILE A 355 19.51 -36.83 -8.56
CA ILE A 355 20.96 -36.70 -8.45
C ILE A 355 21.30 -36.13 -7.10
N TRP A 356 20.60 -35.06 -6.71
CA TRP A 356 20.83 -34.46 -5.41
C TRP A 356 20.59 -35.45 -4.29
N LEU A 357 19.43 -36.13 -4.34
CA LEU A 357 19.03 -37.15 -3.37
C LEU A 357 20.12 -38.21 -3.19
N ASN A 358 20.55 -38.78 -4.32
CA ASN A 358 21.63 -39.77 -4.36
C ASN A 358 22.93 -39.30 -3.71
N GLN A 359 23.13 -37.99 -3.64
CA GLN A 359 24.35 -37.42 -3.08
C GLN A 359 24.14 -36.87 -1.71
N ASN A 360 22.90 -36.92 -1.22
CA ASN A 360 22.60 -36.29 0.05
C ASN A 360 21.92 -37.19 1.09
N PRO A 361 22.50 -38.39 1.36
CA PRO A 361 21.96 -39.37 2.30
C PRO A 361 21.26 -38.75 3.52
N ASP A 362 22.01 -37.99 4.32
CA ASP A 362 21.46 -37.38 5.53
C ASP A 362 20.12 -36.70 5.29
N GLU A 363 20.09 -35.73 4.38
CA GLU A 363 18.90 -34.93 4.14
C GLU A 363 17.85 -35.64 3.29
N ALA A 364 18.29 -36.37 2.27
CA ALA A 364 17.38 -37.17 1.44
C ALA A 364 16.48 -38.10 2.27
N ARG A 365 17.04 -38.73 3.31
CA ARG A 365 16.27 -39.60 4.22
C ARG A 365 15.46 -38.82 5.25
N GLN A 366 15.98 -37.68 5.72
CA GLN A 366 15.20 -36.79 6.59
C GLN A 366 13.94 -36.30 5.87
N ILE A 367 14.04 -36.16 4.56
CA ILE A 367 12.94 -35.67 3.72
C ILE A 367 11.86 -36.74 3.58
N VAL A 368 12.28 -37.95 3.23
CA VAL A 368 11.38 -39.10 3.08
C VAL A 368 10.64 -39.37 4.40
N GLU A 369 11.38 -39.32 5.50
CA GLU A 369 10.78 -39.59 6.79
C GLU A 369 9.70 -38.57 7.08
N ASN A 370 9.90 -37.34 6.59
CA ASN A 370 8.99 -36.25 6.89
C ASN A 370 7.73 -36.35 6.07
N ILE A 371 7.88 -36.79 4.82
CA ILE A 371 6.76 -36.99 3.92
C ILE A 371 5.93 -38.21 4.37
N SER A 372 6.64 -39.20 4.92
CA SER A 372 5.98 -40.37 5.53
C SER A 372 5.09 -39.97 6.68
N LYS A 373 5.58 -39.07 7.53
CA LYS A 373 4.78 -38.51 8.62
C LYS A 373 3.52 -37.85 8.07
N VAL A 374 3.69 -37.12 6.97
CA VAL A 374 2.60 -36.40 6.31
C VAL A 374 1.53 -37.37 5.80
N ALA A 375 1.96 -38.37 5.01
CA ALA A 375 1.07 -39.41 4.51
C ALA A 375 0.42 -40.20 5.65
N GLN A 376 1.24 -40.55 6.64
CA GLN A 376 0.82 -41.27 7.85
C GLN A 376 -0.34 -40.54 8.53
N LYS A 377 -0.13 -39.26 8.80
CA LYS A 377 -1.13 -38.38 9.44
C LYS A 377 -2.42 -38.30 8.62
N ARG A 378 -2.28 -38.24 7.30
CA ARG A 378 -3.43 -38.26 6.39
C ARG A 378 -4.21 -39.57 6.53
N ILE A 379 -3.53 -40.71 6.33
CA ILE A 379 -4.15 -42.04 6.47
C ILE A 379 -4.92 -42.21 7.78
N ASN A 380 -4.32 -41.80 8.90
CA ASN A 380 -5.02 -41.71 10.20
C ASN A 380 -6.40 -41.03 10.14
N ALA A 381 -6.43 -39.79 9.63
CA ALA A 381 -7.66 -39.00 9.57
C ALA A 381 -8.77 -39.68 8.78
N ASP A 382 -8.45 -40.80 8.12
CA ASP A 382 -9.45 -41.61 7.44
C ASP A 382 -10.09 -42.69 8.33
N LEU A 383 -11.36 -42.45 8.66
CA LEU A 383 -12.13 -43.28 9.60
C LEU A 383 -13.30 -44.02 8.91
N LYS B 7 0.85 18.33 38.06
CA LYS B 7 0.46 19.40 39.04
C LYS B 7 1.51 19.63 40.12
N SER B 8 1.92 18.55 40.79
CA SER B 8 3.02 18.63 41.76
C SER B 8 4.36 19.07 41.13
N ILE B 9 4.64 18.65 39.89
CA ILE B 9 5.73 19.24 39.09
C ILE B 9 5.14 19.91 37.85
N GLU B 10 5.45 21.18 37.64
CA GLU B 10 5.07 21.83 36.40
C GLU B 10 6.33 22.01 35.58
N VAL B 11 6.26 21.79 34.27
CA VAL B 11 7.39 22.06 33.39
C VAL B 11 6.97 23.03 32.30
N LEU B 12 7.85 23.91 31.87
CA LEU B 12 7.49 24.85 30.82
C LEU B 12 8.72 25.17 29.97
N THR B 13 8.73 24.73 28.71
CA THR B 13 9.92 24.87 27.89
C THR B 13 9.60 25.59 26.58
N GLY B 14 10.59 25.86 25.75
CA GLY B 14 10.35 26.37 24.41
C GLY B 14 9.98 25.21 23.49
N LEU B 15 10.02 25.43 22.18
CA LEU B 15 9.58 24.38 21.23
C LEU B 15 10.68 23.61 20.50
N ASP B 16 11.94 23.90 20.86
CA ASP B 16 13.10 23.23 20.27
C ASP B 16 13.13 21.73 20.52
N PRO B 17 12.77 21.29 21.73
CA PRO B 17 12.78 19.83 21.92
C PRO B 17 12.01 19.08 20.81
N VAL B 18 10.93 19.68 20.31
CA VAL B 18 10.04 19.08 19.29
C VAL B 18 10.61 19.23 17.88
N LYS B 19 11.02 20.46 17.52
CA LYS B 19 11.76 20.71 16.27
C LYS B 19 13.07 19.91 16.15
N LYS B 20 13.44 19.16 17.19
CA LYS B 20 14.55 18.25 17.01
C LYS B 20 14.26 16.77 17.34
N ARG B 21 13.07 16.50 17.86
CA ARG B 21 12.59 15.12 17.94
C ARG B 21 11.12 14.95 17.50
N PRO B 22 10.82 15.43 16.27
CA PRO B 22 9.45 15.43 15.76
C PRO B 22 8.74 14.10 15.98
N GLY B 23 9.45 12.99 15.76
CA GLY B 23 8.83 11.67 15.82
C GLY B 23 8.46 11.23 17.22
N MET B 24 8.94 11.98 18.21
CA MET B 24 8.59 11.70 19.59
C MET B 24 7.25 12.34 19.92
N TYR B 25 6.96 13.45 19.23
CA TYR B 25 5.75 14.24 19.43
C TYR B 25 4.60 13.92 18.45
N THR B 26 4.91 13.85 17.17
CA THR B 26 3.92 13.48 16.15
C THR B 26 4.36 12.25 15.33
N ASN B 27 3.42 11.65 14.60
CA ASN B 27 3.81 10.84 13.46
C ASN B 27 4.22 11.73 12.27
N ILE B 28 5.18 11.26 11.50
CA ILE B 28 5.91 12.15 10.59
C ILE B 28 5.63 11.84 9.10
N GLU B 29 5.03 10.67 8.85
CA GLU B 29 4.55 10.27 7.52
C GLU B 29 3.83 11.42 6.81
N ASN B 30 2.82 11.95 7.47
CA ASN B 30 1.93 12.99 6.96
C ASN B 30 1.48 13.90 8.13
N PRO B 31 0.81 15.04 7.82
CA PRO B 31 0.33 15.90 8.93
C PRO B 31 -0.96 15.41 9.64
N ASN B 32 -1.31 14.12 9.45
CA ASN B 32 -2.55 13.59 10.03
C ASN B 32 -2.59 13.71 11.52
N HIS B 33 -1.47 13.38 12.15
CA HIS B 33 -1.42 13.46 13.59
C HIS B 33 -1.53 14.90 14.06
N LEU B 34 -0.88 15.82 13.36
CA LEU B 34 -0.96 17.22 13.71
C LEU B 34 -2.43 17.66 13.78
N ILE B 35 -3.25 17.16 12.86
CA ILE B 35 -4.68 17.42 12.89
C ILE B 35 -5.38 16.72 14.04
N GLN B 36 -5.14 15.42 14.25
CA GLN B 36 -5.73 14.72 15.41
C GLN B 36 -5.66 15.53 16.69
N GLU B 37 -4.48 16.10 16.95
CA GLU B 37 -4.17 16.83 18.17
C GLU B 37 -5.09 18.02 18.40
N ILE B 38 -5.26 18.85 17.36
CA ILE B 38 -6.27 19.88 17.40
C ILE B 38 -7.71 19.34 17.60
N ILE B 39 -8.12 18.37 16.79
CA ILE B 39 -9.40 17.69 17.00
C ILE B 39 -9.52 17.36 18.47
N ASP B 40 -8.41 16.94 19.07
CA ASP B 40 -8.39 16.52 20.48
C ASP B 40 -8.74 17.63 21.46
N ASN B 41 -8.24 18.82 21.19
CA ASN B 41 -8.57 19.95 21.99
C ASN B 41 -10.06 20.23 21.92
N SER B 42 -10.59 20.19 20.70
CA SER B 42 -11.99 20.41 20.45
C SER B 42 -12.77 19.33 21.14
N VAL B 43 -12.39 18.07 20.94
CA VAL B 43 -13.10 16.97 21.62
C VAL B 43 -13.21 17.25 23.11
N ASP B 44 -12.14 17.78 23.70
CA ASP B 44 -12.15 18.15 25.12
C ASP B 44 -13.31 19.06 25.52
N GLU B 45 -13.47 20.19 24.82
CA GLU B 45 -14.66 21.00 24.97
C GLU B 45 -15.97 20.20 24.73
N VAL B 46 -15.98 19.32 23.74
CA VAL B 46 -17.17 18.49 23.49
C VAL B 46 -17.47 17.58 24.69
N LEU B 47 -16.43 16.96 25.26
CA LEU B 47 -16.64 16.06 26.38
C LEU B 47 -17.12 16.87 27.56
N ALA B 48 -16.48 18.03 27.75
CA ALA B 48 -16.83 18.93 28.82
C ALA B 48 -18.23 19.57 28.64
N GLY B 49 -18.91 19.24 27.53
CA GLY B 49 -20.28 19.69 27.29
C GLY B 49 -20.41 21.14 26.81
N PHE B 50 -19.29 21.80 26.55
CA PHE B 50 -19.31 23.18 26.03
C PHE B 50 -19.40 23.32 24.50
N ALA B 51 -19.18 22.24 23.75
CA ALA B 51 -19.19 22.29 22.27
C ALA B 51 -19.95 21.15 21.62
N SER B 52 -20.56 21.43 20.48
CA SER B 52 -21.41 20.45 19.79
C SER B 52 -21.02 20.27 18.31
N LYS B 53 -19.95 20.92 17.88
CA LYS B 53 -19.56 20.97 16.48
C LYS B 53 -18.07 21.01 16.31
N ILE B 54 -17.56 20.30 15.30
CA ILE B 54 -16.16 20.42 14.88
C ILE B 54 -16.14 20.29 13.37
N ASN B 55 -15.77 21.38 12.68
CA ASN B 55 -15.66 21.42 11.24
C ASN B 55 -14.19 21.45 10.80
N ILE B 56 -13.81 20.58 9.88
CA ILE B 56 -12.46 20.59 9.32
C ILE B 56 -12.43 20.97 7.82
N THR B 57 -11.63 21.98 7.45
CA THR B 57 -11.33 22.21 6.02
C THR B 57 -9.90 21.85 5.66
N LEU B 58 -9.74 21.23 4.49
CA LEU B 58 -8.45 21.01 3.86
C LEU B 58 -8.38 21.91 2.63
N TYR B 59 -7.55 22.97 2.67
CA TYR B 59 -7.39 23.84 1.51
C TYR B 59 -6.37 23.33 0.48
N GLU B 60 -6.51 23.83 -0.75
CA GLU B 60 -5.64 23.49 -1.90
C GLU B 60 -4.19 23.90 -1.70
N ASP B 61 -3.96 24.88 -0.83
CA ASP B 61 -2.59 25.24 -0.44
C ASP B 61 -2.04 24.33 0.67
N ASN B 62 -2.75 23.26 0.94
CA ASN B 62 -2.27 22.18 1.82
C ASN B 62 -2.37 22.44 3.31
N SER B 63 -2.77 23.66 3.69
CA SER B 63 -3.08 24.01 5.07
C SER B 63 -4.31 23.26 5.57
N ILE B 64 -4.52 23.30 6.88
CA ILE B 64 -5.70 22.69 7.49
C ILE B 64 -6.37 23.76 8.36
N GLU B 65 -7.70 23.70 8.43
CA GLU B 65 -8.47 24.57 9.32
C GLU B 65 -9.41 23.73 10.15
N VAL B 66 -9.49 24.04 11.43
CA VAL B 66 -10.35 23.34 12.38
C VAL B 66 -11.02 24.36 13.30
N ALA B 67 -12.35 24.22 13.44
CA ALA B 67 -13.17 25.17 14.20
C ALA B 67 -14.15 24.41 15.07
N ASP B 68 -14.44 24.97 16.24
CA ASP B 68 -15.44 24.39 17.14
C ASP B 68 -16.36 25.49 17.65
N ASP B 69 -17.49 25.14 18.26
CA ASP B 69 -18.37 26.14 18.88
C ASP B 69 -18.30 26.13 20.40
N GLY B 70 -17.13 25.77 20.93
CA GLY B 70 -16.95 25.71 22.38
C GLY B 70 -16.59 27.04 22.99
N ARG B 71 -15.95 26.97 24.14
CA ARG B 71 -15.77 28.15 24.97
C ARG B 71 -14.92 29.27 24.42
N GLY B 72 -13.96 28.92 23.57
CA GLY B 72 -12.92 29.85 23.09
C GLY B 72 -11.68 29.77 23.95
N MET B 73 -10.50 29.72 23.34
CA MET B 73 -9.23 29.71 24.09
C MET B 73 -9.06 30.92 24.98
N PRO B 74 -8.67 30.72 26.26
CA PRO B 74 -8.42 31.81 27.20
C PRO B 74 -7.55 32.86 26.56
N VAL B 75 -7.85 34.12 26.81
CA VAL B 75 -7.05 35.22 26.27
C VAL B 75 -6.52 36.15 27.37
N ASP B 76 -6.90 35.85 28.62
CA ASP B 76 -6.47 36.63 29.78
C ASP B 76 -4.96 36.55 29.89
N ILE B 77 -4.34 37.66 30.31
CA ILE B 77 -2.90 37.69 30.61
C ILE B 77 -2.57 36.78 31.78
N HIS B 78 -1.51 35.99 31.66
CA HIS B 78 -1.06 35.18 32.79
C HIS B 78 -0.30 36.04 33.77
N PRO B 79 -0.86 36.27 34.98
CA PRO B 79 -0.20 37.17 35.97
C PRO B 79 1.31 36.94 36.13
N GLU B 80 1.74 35.68 36.10
CA GLU B 80 3.16 35.28 36.18
C GLU B 80 3.89 35.43 34.84
N HIS B 81 3.65 34.53 33.88
CA HIS B 81 4.36 34.55 32.58
C HIS B 81 4.11 35.75 31.70
N LYS B 82 3.20 36.63 32.12
CA LYS B 82 3.00 37.95 31.52
C LYS B 82 2.78 37.94 30.00
N MET B 83 1.88 37.07 29.56
CA MET B 83 1.42 37.02 28.17
C MET B 83 0.02 36.42 28.15
N SER B 84 -0.67 36.54 27.02
CA SER B 84 -2.00 36.00 26.82
C SER B 84 -2.00 34.51 27.11
N GLY B 85 -3.17 33.97 27.42
CA GLY B 85 -3.28 32.53 27.65
C GLY B 85 -3.14 31.81 26.33
N ILE B 86 -3.51 32.52 25.26
CA ILE B 86 -3.43 31.96 23.91
C ILE B 86 -1.96 31.68 23.53
N GLU B 87 -1.15 32.74 23.46
CA GLU B 87 0.28 32.59 23.19
C GLU B 87 0.98 31.61 24.16
N LEU B 88 0.58 31.59 25.42
CA LEU B 88 1.21 30.71 26.36
C LEU B 88 1.06 29.21 26.02
N ILE B 89 -0.09 28.84 25.47
CA ILE B 89 -0.36 27.44 25.11
C ILE B 89 0.25 27.11 23.74
N MET B 90 0.34 28.13 22.89
CA MET B 90 0.81 27.97 21.53
C MET B 90 2.34 27.95 21.39
N THR B 91 3.03 28.73 22.24
CA THR B 91 4.46 28.94 22.01
C THR B 91 5.38 28.19 22.96
N LYS B 92 4.85 27.39 23.86
CA LYS B 92 5.72 26.62 24.76
C LYS B 92 5.20 25.23 24.97
N LEU B 93 6.04 24.35 25.52
CA LEU B 93 5.61 23.00 25.85
C LEU B 93 5.32 22.84 27.34
N HIS B 94 4.08 22.46 27.65
CA HIS B 94 3.61 22.32 29.02
C HIS B 94 3.57 20.87 29.36
N SER B 95 4.08 20.52 30.53
CA SER B 95 4.04 19.15 30.99
C SER B 95 3.98 19.17 32.49
N GLY B 96 3.76 17.99 33.09
CA GLY B 96 3.70 17.88 34.54
C GLY B 96 3.70 16.45 34.99
N GLY B 97 3.20 16.23 36.21
CA GLY B 97 3.17 14.90 36.80
C GLY B 97 3.26 15.01 38.31
N LYS B 98 3.14 13.86 38.98
CA LYS B 98 3.22 13.85 40.43
C LYS B 98 4.68 13.76 40.85
N PHE B 99 5.49 13.07 40.03
CA PHE B 99 6.91 12.85 40.30
C PHE B 99 7.67 12.83 38.98
N SER B 100 8.99 12.94 39.02
CA SER B 100 9.77 13.14 37.78
C SER B 100 9.89 11.93 36.84
N ASN B 101 10.17 10.76 37.40
CA ASN B 101 10.44 9.53 36.61
C ASN B 101 11.62 9.68 35.65
N HIS B 111 -1.88 10.92 22.47
CA HIS B 111 -0.99 11.73 23.30
C HIS B 111 -1.72 12.78 24.09
N GLY B 112 -0.98 13.79 24.54
CA GLY B 112 -1.55 14.97 25.14
C GLY B 112 -0.58 16.13 25.00
N VAL B 113 0.26 16.06 23.98
CA VAL B 113 1.45 16.91 23.87
C VAL B 113 1.17 18.41 23.63
N GLY B 114 -0.10 18.78 23.56
CA GLY B 114 -0.45 20.19 23.45
C GLY B 114 -0.37 20.74 22.05
N VAL B 115 -1.28 21.66 21.72
CA VAL B 115 -1.33 22.30 20.41
C VAL B 115 -0.02 22.97 19.97
N SER B 116 0.87 23.26 20.92
CA SER B 116 2.11 23.95 20.57
C SER B 116 3.02 23.05 19.71
N VAL B 117 2.83 21.74 19.85
CA VAL B 117 3.47 20.80 18.93
C VAL B 117 3.08 21.17 17.51
N VAL B 118 1.78 21.39 17.29
CA VAL B 118 1.29 21.74 15.95
C VAL B 118 1.97 23.03 15.52
N ASN B 119 1.91 24.03 16.38
CA ASN B 119 2.52 25.33 16.12
C ASN B 119 4.01 25.20 15.68
N ALA B 120 4.74 24.32 16.36
CA ALA B 120 6.20 24.22 16.20
C ALA B 120 6.54 23.62 14.86
N LEU B 121 5.62 22.82 14.32
CA LEU B 121 5.88 22.07 13.12
C LEU B 121 5.23 22.72 11.88
N SER B 122 4.91 24.01 12.00
CA SER B 122 4.13 24.70 10.98
C SER B 122 4.76 26.00 10.55
N THR B 123 5.08 26.08 9.28
CA THR B 123 5.41 27.36 8.61
C THR B 123 4.62 28.51 9.21
N ARG B 124 3.35 28.23 9.48
CA ARG B 124 2.38 29.24 9.84
C ARG B 124 1.29 28.57 10.63
N LEU B 125 0.63 29.34 11.49
CA LEU B 125 -0.59 28.91 12.18
C LEU B 125 -1.43 30.11 12.66
N GLU B 126 -2.66 30.22 12.18
CA GLU B 126 -3.52 31.37 12.51
C GLU B 126 -4.62 30.95 13.42
N ALA B 127 -4.88 31.79 14.44
CA ALA B 127 -5.96 31.51 15.37
C ALA B 127 -7.01 32.58 15.38
N GLU B 128 -8.25 32.15 15.35
CA GLU B 128 -9.39 33.05 15.55
C GLU B 128 -10.16 32.59 16.78
N ILE B 129 -10.36 33.52 17.72
CA ILE B 129 -11.11 33.20 18.93
C ILE B 129 -12.28 34.14 19.19
N LYS B 130 -13.42 33.54 19.52
CA LYS B 130 -14.62 34.32 19.88
C LYS B 130 -14.99 34.09 21.34
N ARG B 131 -14.69 35.10 22.16
CA ARG B 131 -15.11 35.14 23.56
C ARG B 131 -15.64 36.55 23.77
N ASP B 132 -16.54 36.68 24.75
CA ASP B 132 -16.89 37.97 25.33
C ASP B 132 -17.38 38.95 24.31
N GLY B 133 -17.73 38.43 23.14
CA GLY B 133 -18.32 39.24 22.10
C GLY B 133 -17.25 39.88 21.25
N ASN B 134 -16.01 39.44 21.46
CA ASN B 134 -14.88 39.84 20.62
C ASN B 134 -14.35 38.72 19.75
N VAL B 135 -13.98 39.07 18.52
CA VAL B 135 -13.21 38.15 17.68
C VAL B 135 -11.73 38.47 17.83
N TYR B 136 -10.95 37.57 18.40
CA TYR B 136 -9.51 37.77 18.57
C TYR B 136 -8.73 37.11 17.44
N HIS B 137 -7.61 37.71 17.03
CA HIS B 137 -6.74 37.14 15.99
C HIS B 137 -5.27 37.21 16.31
N ILE B 138 -4.59 36.09 16.16
CA ILE B 138 -3.14 35.99 16.36
C ILE B 138 -2.49 35.08 15.31
N VAL B 139 -1.33 35.50 14.78
CA VAL B 139 -0.55 34.75 13.75
C VAL B 139 0.79 34.23 14.32
N PHE B 140 1.18 33.01 13.97
CA PHE B 140 2.50 32.44 14.33
C PHE B 140 3.26 32.01 13.09
N GLU B 141 4.58 31.95 13.20
CA GLU B 141 5.44 31.40 12.16
C GLU B 141 6.50 30.60 12.88
N ASP B 142 6.62 29.33 12.51
CA ASP B 142 7.61 28.41 13.12
C ASP B 142 7.55 28.35 14.66
N GLY B 143 6.34 28.39 15.20
CA GLY B 143 6.15 28.39 16.67
C GLY B 143 6.34 29.73 17.38
N PHE B 144 6.56 30.79 16.62
CA PHE B 144 6.82 32.08 17.20
C PHE B 144 5.76 33.05 16.77
N LYS B 145 5.10 33.64 17.75
CA LYS B 145 4.19 34.74 17.55
C LYS B 145 4.86 35.66 16.55
N THR B 146 4.11 36.18 15.58
CA THR B 146 4.65 37.09 14.58
C THR B 146 3.68 38.19 14.28
N LYS B 147 2.53 38.13 14.94
CA LYS B 147 1.55 39.21 14.90
C LYS B 147 0.82 39.19 16.21
N ASP B 148 0.78 40.35 16.86
CA ASP B 148 0.19 40.51 18.18
C ASP B 148 -1.30 40.24 18.20
N LEU B 149 -1.73 39.61 19.30
CA LEU B 149 -3.14 39.38 19.56
C LEU B 149 -3.92 40.68 19.54
N GLU B 150 -4.90 40.79 18.65
CA GLU B 150 -5.78 41.96 18.57
C GLU B 150 -7.27 41.62 18.37
N ILE B 151 -8.14 42.46 18.92
CA ILE B 151 -9.56 42.37 18.65
C ILE B 151 -9.76 42.92 17.25
N ILE B 152 -10.45 42.17 16.38
CA ILE B 152 -10.61 42.56 14.98
C ILE B 152 -12.06 42.66 14.52
N ASP B 153 -12.98 42.38 15.43
CA ASP B 153 -14.43 42.32 15.12
C ASP B 153 -15.23 41.96 16.40
N ASN B 154 -16.53 42.25 16.38
CA ASN B 154 -17.45 41.85 17.45
C ASN B 154 -18.56 40.90 17.01
N VAL B 155 -19.34 40.46 18.00
CA VAL B 155 -20.02 39.17 17.94
C VAL B 155 -20.92 39.12 19.16
N GLY B 156 -22.04 38.44 19.05
CA GLY B 156 -22.93 38.29 20.21
C GLY B 156 -22.19 37.55 21.33
N LYS B 157 -22.52 37.86 22.57
CA LYS B 157 -21.84 37.21 23.65
C LYS B 157 -21.92 35.67 23.65
N LYS B 158 -22.95 35.08 23.05
CA LYS B 158 -23.08 33.61 23.05
C LYS B 158 -22.46 32.97 21.82
N ASN B 159 -21.82 33.80 21.00
CA ASN B 159 -21.20 33.31 19.80
C ASN B 159 -19.74 33.08 20.16
N THR B 160 -19.38 31.81 20.35
CA THR B 160 -18.07 31.49 20.91
C THR B 160 -17.38 30.30 20.25
N GLY B 161 -16.06 30.29 20.23
CA GLY B 161 -15.31 29.13 19.77
C GLY B 161 -13.85 29.40 19.46
N THR B 162 -13.15 28.34 19.07
CA THR B 162 -11.74 28.45 18.64
C THR B 162 -11.62 28.04 17.18
N LYS B 163 -10.95 28.85 16.38
CA LYS B 163 -10.61 28.43 15.00
C LYS B 163 -9.11 28.55 14.66
N ILE B 164 -8.49 27.40 14.34
CA ILE B 164 -7.06 27.32 13.98
C ILE B 164 -6.81 26.84 12.53
N ARG B 165 -6.21 27.68 11.71
CA ARG B 165 -5.67 27.24 10.42
C ARG B 165 -4.13 27.15 10.51
N PHE B 166 -3.56 26.01 10.13
CA PHE B 166 -2.10 25.85 10.15
C PHE B 166 -1.50 25.32 8.85
N TRP B 167 -0.29 25.77 8.54
CA TRP B 167 0.44 25.35 7.36
C TRP B 167 1.60 24.52 7.76
N PRO B 168 1.46 23.19 7.73
CA PRO B 168 2.63 22.33 7.98
C PRO B 168 3.91 22.73 7.22
N ASN B 169 5.05 22.50 7.87
CA ASN B 169 6.37 22.86 7.36
C ASN B 169 6.97 21.63 6.68
N LYS B 170 7.24 21.73 5.37
CA LYS B 170 7.60 20.52 4.59
C LYS B 170 8.84 19.81 5.10
N LYS B 171 9.84 20.55 5.55
CA LYS B 171 11.06 19.90 6.01
C LYS B 171 10.87 18.84 7.11
N TYR B 172 9.72 18.85 7.78
CA TYR B 172 9.51 17.86 8.88
C TYR B 172 8.97 16.48 8.47
N PHE B 173 8.21 16.43 7.38
CA PHE B 173 7.37 15.28 7.12
C PHE B 173 7.79 14.59 5.84
N ASP B 174 7.69 13.26 5.84
CA ASP B 174 7.81 12.47 4.60
C ASP B 174 6.96 13.06 3.48
N ASP B 175 5.76 13.50 3.82
CA ASP B 175 4.81 14.01 2.86
C ASP B 175 3.91 15.07 3.49
N ILE B 176 3.60 16.14 2.76
CA ILE B 176 2.67 17.17 3.28
C ILE B 176 1.20 16.96 2.88
N LYS B 177 0.94 16.10 1.91
CA LYS B 177 -0.41 15.76 1.52
C LYS B 177 -1.07 15.09 2.73
N VAL B 178 -2.28 15.52 3.07
CA VAL B 178 -3.06 14.85 4.10
C VAL B 178 -3.54 13.51 3.55
N ASN B 179 -3.45 12.47 4.35
CA ASN B 179 -4.11 11.23 4.00
C ASN B 179 -5.60 11.32 4.28
N PHE B 180 -6.38 11.72 3.28
CA PHE B 180 -7.86 11.92 3.48
C PHE B 180 -8.61 10.72 4.04
N LYS B 181 -8.38 9.53 3.50
CA LYS B 181 -9.10 8.34 3.96
C LYS B 181 -8.94 8.15 5.46
N ALA B 182 -7.69 8.24 5.93
CA ALA B 182 -7.44 8.02 7.35
C ALA B 182 -8.10 9.12 8.20
N LEU B 183 -8.15 10.34 7.66
CA LEU B 183 -8.78 11.42 8.38
C LEU B 183 -10.28 11.14 8.49
N LYS B 184 -10.91 10.84 7.35
CA LYS B 184 -12.32 10.49 7.33
C LYS B 184 -12.65 9.40 8.33
N ASN B 185 -11.83 8.36 8.40
CA ASN B 185 -12.13 7.24 9.29
C ASN B 185 -12.17 7.70 10.72
N LEU B 186 -11.07 8.33 11.16
CA LEU B 186 -10.90 8.80 12.54
C LEU B 186 -12.07 9.67 12.97
N LEU B 187 -12.31 10.73 12.22
CA LEU B 187 -13.49 11.59 12.37
C LEU B 187 -14.76 10.77 12.61
N GLU B 188 -15.14 9.96 11.62
CA GLU B 188 -16.30 9.07 11.73
C GLU B 188 -16.37 8.33 13.06
N ALA B 189 -15.25 7.76 13.50
CA ALA B 189 -15.21 6.98 14.74
C ALA B 189 -15.56 7.84 15.95
N LYS B 190 -15.15 9.11 15.94
CA LYS B 190 -15.41 10.03 17.06
C LYS B 190 -16.87 10.44 17.08
N ALA B 191 -17.40 10.83 15.94
CA ALA B 191 -18.81 11.16 15.87
C ALA B 191 -19.65 10.00 16.40
N ILE B 192 -19.24 8.74 16.09
CA ILE B 192 -19.96 7.55 16.60
C ILE B 192 -20.02 7.57 18.12
N LEU B 193 -18.93 7.97 18.75
CA LEU B 193 -18.86 8.02 20.20
C LEU B 193 -19.54 9.25 20.88
N CYS B 194 -20.16 10.14 20.08
CA CYS B 194 -20.76 11.39 20.60
C CYS B 194 -22.02 11.77 19.89
N LYS B 195 -23.18 11.33 20.39
CA LYS B 195 -24.47 11.66 19.74
C LYS B 195 -24.79 13.17 19.74
N ALA B 196 -24.15 13.92 20.65
CA ALA B 196 -24.27 15.38 20.72
C ALA B 196 -23.56 16.05 19.57
N LEU B 197 -22.36 15.53 19.26
CA LEU B 197 -21.45 16.06 18.24
C LEU B 197 -21.95 15.97 16.80
N THR B 198 -21.79 17.06 16.06
CA THR B 198 -21.88 17.03 14.60
C THR B 198 -20.54 17.44 14.00
N ILE B 199 -19.97 16.55 13.17
CA ILE B 199 -18.65 16.79 12.56
C ILE B 199 -18.82 17.08 11.09
N LYS B 200 -18.26 18.20 10.63
CA LYS B 200 -18.29 18.53 9.22
C LYS B 200 -16.88 18.53 8.66
N TYR B 201 -16.72 17.99 7.45
CA TYR B 201 -15.42 17.83 6.75
C TYR B 201 -15.53 18.36 5.34
N SER B 202 -14.70 19.31 4.96
CA SER B 202 -14.70 19.81 3.59
C SER B 202 -13.31 19.74 2.97
N ASN B 203 -13.14 18.80 2.04
CA ASN B 203 -11.90 18.64 1.31
C ASN B 203 -11.92 19.46 -0.01
N GLU B 204 -11.39 20.67 0.06
CA GLU B 204 -11.37 21.62 -1.03
C GLU B 204 -10.44 21.22 -2.20
N ILE B 205 -9.75 20.11 -2.07
CA ILE B 205 -8.86 19.67 -3.15
C ILE B 205 -9.66 18.72 -4.03
N LYS B 206 -10.28 17.72 -3.39
CA LYS B 206 -11.12 16.73 -4.06
C LYS B 206 -12.53 17.26 -4.35
N LYS B 207 -12.78 18.50 -3.95
CA LYS B 207 -14.10 19.12 -4.03
C LYS B 207 -15.20 18.20 -3.45
N GLU B 208 -15.24 18.10 -2.13
CA GLU B 208 -16.03 17.08 -1.41
C GLU B 208 -16.38 17.49 0.02
N LYS B 209 -17.56 17.11 0.50
CA LYS B 209 -17.96 17.44 1.87
C LYS B 209 -18.59 16.24 2.56
N LEU B 210 -18.58 16.24 3.88
CA LEU B 210 -19.27 15.21 4.63
C LEU B 210 -19.75 15.77 5.97
N THR B 211 -20.70 15.06 6.56
CA THR B 211 -21.27 15.42 7.83
C THR B 211 -21.57 14.15 8.55
N TRP B 212 -20.98 14.00 9.72
CA TRP B 212 -21.28 12.88 10.59
C TRP B 212 -22.08 13.35 11.79
N HIS B 213 -23.36 13.00 11.83
CA HIS B 213 -24.12 13.11 13.06
C HIS B 213 -24.80 11.82 13.41
N PHE B 214 -24.30 11.15 14.45
CA PHE B 214 -24.83 9.87 14.88
C PHE B 214 -25.80 10.10 16.02
N GLU B 215 -26.93 10.73 15.69
CA GLU B 215 -28.03 10.97 16.63
C GLU B 215 -28.39 9.67 17.34
N THR B 216 -28.18 8.55 16.64
CA THR B 216 -28.47 7.24 17.19
C THR B 216 -27.39 6.70 18.13
N GLY B 217 -26.14 7.08 17.90
CA GLY B 217 -25.00 6.51 18.64
C GLY B 217 -24.41 5.23 18.05
N LEU B 218 -23.92 4.36 18.92
CA LEU B 218 -23.35 3.06 18.54
C LEU B 218 -24.42 2.05 18.10
N LYS B 219 -25.67 2.49 18.02
CA LYS B 219 -26.80 1.61 17.71
C LYS B 219 -26.68 0.95 16.34
N GLY B 220 -26.47 -0.36 16.35
CA GLY B 220 -26.45 -1.14 15.11
C GLY B 220 -25.12 -1.08 14.39
N TYR B 221 -24.08 -0.66 15.11
CA TYR B 221 -22.74 -0.68 14.57
C TYR B 221 -22.29 -2.13 14.45
N LEU B 222 -22.39 -2.87 15.54
CA LEU B 222 -22.09 -4.30 15.54
C LEU B 222 -22.95 -5.04 14.51
N ASP B 223 -24.19 -4.58 14.31
CA ASP B 223 -25.10 -5.12 13.28
C ASP B 223 -24.49 -5.01 11.88
N HIS B 224 -23.37 -4.30 11.78
CA HIS B 224 -22.81 -3.90 10.50
C HIS B 224 -21.37 -4.31 10.34
N LYS B 225 -20.69 -4.60 11.45
CA LYS B 225 -19.25 -4.84 11.48
C LYS B 225 -18.89 -6.14 12.20
N GLU B 229 -23.64 -14.27 12.90
CA GLU B 229 -25.01 -14.08 13.33
C GLU B 229 -25.09 -13.40 14.70
N THR B 230 -26.08 -12.53 14.86
CA THR B 230 -26.24 -11.71 16.07
C THR B 230 -27.14 -12.38 17.13
N LEU B 231 -26.55 -12.69 18.28
CA LEU B 231 -27.29 -13.19 19.44
C LEU B 231 -26.90 -12.36 20.68
N PRO B 232 -27.85 -11.55 21.20
CA PRO B 232 -29.25 -11.40 20.76
C PRO B 232 -29.41 -10.79 19.37
N ALA B 233 -30.56 -11.05 18.75
CA ALA B 233 -30.91 -10.56 17.41
C ALA B 233 -30.52 -9.10 17.21
N GLU B 234 -30.79 -8.28 18.23
CA GLU B 234 -30.34 -6.91 18.32
C GLU B 234 -29.41 -6.85 19.52
N PRO B 235 -28.08 -6.75 19.29
CA PRO B 235 -27.09 -6.75 20.39
C PRO B 235 -27.43 -5.74 21.48
N PHE B 236 -27.03 -6.04 22.72
CA PHE B 236 -27.46 -5.26 23.88
C PHE B 236 -27.01 -3.81 23.80
N ILE B 237 -27.92 -2.92 24.18
CA ILE B 237 -27.79 -1.49 23.89
C ILE B 237 -27.76 -0.65 25.17
N ILE B 238 -26.66 0.06 25.40
CA ILE B 238 -26.59 1.03 26.52
C ILE B 238 -26.40 2.47 26.01
N ASP B 239 -27.51 3.20 25.95
CA ASP B 239 -27.50 4.59 25.48
C ASP B 239 -27.24 5.58 26.61
N ASN B 240 -25.95 5.81 26.89
CA ASN B 240 -25.52 6.99 27.65
C ASN B 240 -25.88 6.96 29.14
N PHE B 241 -25.66 5.82 29.78
CA PHE B 241 -25.84 5.65 31.22
C PHE B 241 -24.86 6.55 31.98
N SER B 242 -25.25 6.99 33.18
CA SER B 242 -24.42 7.90 33.99
C SER B 242 -24.78 7.99 35.49
N ASN B 243 -23.78 8.32 36.31
CA ASN B 243 -24.00 9.02 37.57
C ASN B 243 -23.69 10.51 37.34
N GLY B 244 -23.23 11.23 38.36
CA GLY B 244 -22.77 12.60 38.18
C GLY B 244 -21.51 12.68 37.35
N ASP B 245 -20.40 12.20 37.92
CA ASP B 245 -19.04 12.37 37.35
C ASP B 245 -18.68 11.49 36.16
N SER B 246 -19.52 10.51 35.83
CA SER B 246 -19.14 9.55 34.80
C SER B 246 -20.24 9.07 33.87
N TYR B 247 -19.85 8.71 32.67
CA TYR B 247 -20.77 8.35 31.61
C TYR B 247 -20.34 7.05 30.95
N LEU B 248 -21.31 6.27 30.51
CA LEU B 248 -21.05 4.99 29.88
C LEU B 248 -21.91 4.81 28.64
N ASP B 249 -21.27 4.36 27.57
CA ASP B 249 -21.95 3.83 26.40
C ASP B 249 -21.28 2.50 26.08
N ALA B 250 -22.09 1.48 25.80
CA ALA B 250 -21.54 0.20 25.38
C ALA B 250 -22.54 -0.60 24.56
N VAL B 251 -21.99 -1.44 23.69
CA VAL B 251 -22.80 -2.33 22.89
C VAL B 251 -22.14 -3.71 22.91
N PHE B 252 -22.94 -4.75 23.16
CA PHE B 252 -22.41 -6.12 23.25
C PHE B 252 -23.41 -7.24 22.95
N CYS B 253 -22.86 -8.39 22.56
CA CYS B 253 -23.65 -9.59 22.21
C CYS B 253 -22.77 -10.84 22.22
N TRP B 254 -23.42 -12.00 22.30
CA TRP B 254 -22.73 -13.29 22.18
C TRP B 254 -22.96 -13.90 20.82
N ASN B 264 -12.93 -3.54 21.40
CA ASN B 264 -12.75 -2.09 21.25
C ASN B 264 -13.19 -1.31 22.50
N SER B 265 -12.24 -0.67 23.16
CA SER B 265 -12.58 0.10 24.35
C SER B 265 -11.95 1.50 24.33
N TYR B 266 -12.70 2.47 24.84
CA TYR B 266 -12.25 3.86 24.85
C TYR B 266 -12.44 4.53 26.21
N VAL B 267 -11.61 5.53 26.47
CA VAL B 267 -11.73 6.39 27.65
C VAL B 267 -11.72 7.85 27.23
N ASN B 268 -12.90 8.47 27.23
CA ASN B 268 -13.05 9.83 26.71
C ASN B 268 -12.48 9.88 25.29
N LEU B 269 -12.86 8.89 24.48
CA LEU B 269 -12.47 8.82 23.05
C LEU B 269 -11.03 8.40 22.76
N ILE B 270 -10.18 8.41 23.79
CA ILE B 270 -8.84 7.84 23.68
C ILE B 270 -8.95 6.30 23.66
N PRO B 271 -8.52 5.68 22.54
CA PRO B 271 -8.59 4.21 22.46
C PRO B 271 -7.68 3.51 23.49
N THR B 272 -8.15 2.38 24.02
CA THR B 272 -7.35 1.50 24.89
C THR B 272 -7.18 0.10 24.29
N PRO B 273 -5.97 -0.18 23.75
CA PRO B 273 -5.68 -1.49 23.15
C PRO B 273 -5.53 -2.59 24.20
N GLN B 274 -4.80 -2.29 25.27
CA GLN B 274 -4.57 -3.23 26.37
C GLN B 274 -5.60 -3.08 27.49
N ASP B 275 -6.84 -2.78 27.09
CA ASP B 275 -8.02 -2.78 27.98
C ASP B 275 -7.85 -1.97 29.27
N GLY B 276 -8.63 -2.28 30.30
CA GLY B 276 -8.53 -1.55 31.55
C GLY B 276 -9.75 -1.68 32.45
N THR B 277 -9.72 -0.98 33.58
CA THR B 277 -10.75 -1.11 34.62
C THR B 277 -12.17 -1.01 34.07
N HIS B 278 -12.33 -0.40 32.91
CA HIS B 278 -13.63 -0.33 32.24
C HIS B 278 -14.02 -1.61 31.55
N VAL B 279 -13.02 -2.31 31.00
CA VAL B 279 -13.24 -3.60 30.32
C VAL B 279 -13.45 -4.70 31.37
N THR B 280 -12.66 -4.63 32.43
CA THR B 280 -12.85 -5.50 33.58
C THR B 280 -14.27 -5.38 34.11
N GLY B 281 -14.74 -4.15 34.30
CA GLY B 281 -16.07 -3.87 34.86
C GLY B 281 -17.23 -4.46 34.07
N LEU B 282 -17.00 -4.68 32.77
CA LEU B 282 -18.03 -5.20 31.87
C LEU B 282 -18.28 -6.70 32.06
N LYS B 283 -17.20 -7.44 32.34
CA LYS B 283 -17.27 -8.85 32.71
C LYS B 283 -18.18 -9.01 33.94
N ASN B 284 -17.76 -8.36 35.04
CA ASN B 284 -18.49 -8.35 36.32
C ASN B 284 -19.88 -7.70 36.23
N ALA B 313 -15.66 -13.99 26.74
CA ALA B 313 -15.86 -15.40 26.46
C ALA B 313 -16.22 -15.58 24.98
N GLN B 314 -17.52 -15.63 24.68
CA GLN B 314 -18.04 -15.65 23.31
C GLN B 314 -18.57 -14.25 22.94
N LEU B 315 -18.04 -13.23 23.62
CA LEU B 315 -18.59 -11.88 23.63
C LEU B 315 -18.10 -10.98 22.49
N ASN B 316 -18.98 -10.09 22.03
CA ASN B 316 -18.66 -9.07 21.03
C ASN B 316 -18.94 -7.65 21.55
N TYR B 317 -17.88 -6.96 21.97
CA TYR B 317 -17.99 -5.73 22.75
C TYR B 317 -17.55 -4.47 21.99
N VAL B 318 -18.04 -3.32 22.46
CA VAL B 318 -17.52 -1.99 22.13
C VAL B 318 -17.96 -1.07 23.27
N ILE B 319 -17.02 -0.71 24.13
CA ILE B 319 -17.33 0.10 25.30
C ILE B 319 -16.60 1.45 25.31
N SER B 320 -17.39 2.52 25.39
CA SER B 320 -16.87 3.88 25.52
C SER B 320 -17.29 4.45 26.87
N VAL B 321 -16.30 4.69 27.71
CA VAL B 321 -16.55 5.26 29.03
C VAL B 321 -16.07 6.71 29.05
N LYS B 322 -16.83 7.58 29.70
CA LYS B 322 -16.41 8.97 29.78
C LYS B 322 -16.30 9.36 31.24
N ILE B 323 -15.09 9.70 31.67
CA ILE B 323 -14.79 9.92 33.08
C ILE B 323 -14.09 11.26 33.27
N THR B 324 -14.37 11.93 34.38
CA THR B 324 -13.84 13.28 34.63
C THR B 324 -12.32 13.30 34.81
N ASN B 325 -11.78 12.31 35.51
CA ASN B 325 -10.36 12.28 35.78
C ASN B 325 -9.77 10.89 35.53
N PRO B 326 -8.85 10.78 34.55
CA PRO B 326 -8.13 9.53 34.25
C PRO B 326 -6.76 9.43 34.93
N THR B 332 2.34 5.16 28.72
CA THR B 332 1.51 4.86 27.56
C THR B 332 0.03 4.74 27.95
N LYS B 333 -0.81 5.57 27.33
CA LYS B 333 -2.26 5.53 27.53
C LYS B 333 -2.85 4.30 26.83
N GLU B 334 -2.52 3.12 27.35
CA GLU B 334 -2.83 1.86 26.69
C GLU B 334 -3.85 1.06 27.50
N LYS B 335 -3.71 1.11 28.82
CA LYS B 335 -4.58 0.37 29.75
C LYS B 335 -5.10 1.28 30.87
N LEU B 336 -6.42 1.37 31.00
CA LEU B 336 -7.03 2.21 32.03
C LEU B 336 -7.05 1.50 33.39
N SER B 337 -6.59 2.22 34.41
CA SER B 337 -6.40 1.65 35.74
C SER B 337 -7.30 2.29 36.81
N ASN B 338 -8.10 3.28 36.41
CA ASN B 338 -8.97 4.02 37.35
C ASN B 338 -9.90 3.08 38.14
N LYS B 339 -9.41 2.61 39.29
CA LYS B 339 -10.06 1.57 40.08
C LYS B 339 -11.55 1.85 40.34
N ASP B 340 -11.83 3.09 40.71
CA ASP B 340 -13.17 3.55 41.06
C ASP B 340 -14.17 3.46 39.91
N VAL B 341 -13.80 2.80 38.82
CA VAL B 341 -14.68 2.67 37.65
C VAL B 341 -15.15 1.23 37.40
N THR B 342 -14.40 0.26 37.92
CA THR B 342 -14.70 -1.16 37.74
C THR B 342 -16.20 -1.48 37.92
N ASN B 343 -16.70 -1.25 39.14
CA ASN B 343 -18.10 -1.51 39.53
C ASN B 343 -19.13 -0.86 38.61
N PHE B 344 -18.73 0.26 38.02
CA PHE B 344 -19.57 1.09 37.16
C PHE B 344 -19.65 0.52 35.75
#